data_4MP0
#
_entry.id   4MP0
#
_cell.length_a   92.407
_cell.length_b   92.407
_cell.length_c   199.342
_cell.angle_alpha   90.00
_cell.angle_beta   90.00
_cell.angle_gamma   90.00
#
_symmetry.space_group_name_H-M   'P 41 21 2'
#
loop_
_entity.id
_entity.type
_entity.pdbx_description
1 polymer 'Serine/threonine-protein phosphatase PP1-alpha catalytic subunit'
2 polymer 'Serine/threonine-protein phosphatase 1 regulatory subunit 10'
3 non-polymer 'MANGANESE (II) ION'
4 non-polymer GLYCEROL
5 non-polymer 'PHOSPHATE ION'
6 water water
#
loop_
_entity_poly.entity_id
_entity_poly.type
_entity_poly.pdbx_seq_one_letter_code
_entity_poly.pdbx_strand_id
1 'polypeptide(L)'
;GHMGSLNLDSIIGRLLEVQGSRPGKNVQLTENEIRGLCLKSREIFLSQPILLELEAPLKICGDIHGQYYDLLRLFEYGGF
PPESNYLFLGDYVDRGKQSLETICLLLAYKIKYPENFFLLRGNHECASINRIYGFYDECKRRYNIKLWKTFTDCFNCLPI
AAIVDEKIFCCHGGLSPDLQSMEQIRRIMRPTDVPDQGLLCDLLWSDPDKDVQGWGENDRGVSFTFGAEVVAKFLHKHDL
DLICRAHQVVEDGYEFFAKRQLVTLFSAPNYCGEFDNAGAMMSVDETLMCSFQILKPAD
;
A,C
2 'polypeptide(L)' GAMGRKRKTVTWPEEGKLREYFYFELDETERVNVNKIKDFGEAA B,D
#
# COMPACT_ATOMS: atom_id res chain seq x y z
N SER A 5 32.80 8.55 -11.54
CA SER A 5 33.54 8.51 -10.28
C SER A 5 32.96 7.44 -9.35
N LEU A 6 32.32 6.44 -9.96
CA LEU A 6 31.73 5.33 -9.22
C LEU A 6 32.74 4.20 -9.05
N ASN A 7 33.17 3.95 -7.83
CA ASN A 7 34.11 2.85 -7.60
C ASN A 7 33.34 1.55 -7.45
N LEU A 8 32.94 1.02 -8.60
CA LEU A 8 32.08 -0.15 -8.67
C LEU A 8 32.66 -1.38 -8.00
N ASP A 9 33.93 -1.66 -8.27
CA ASP A 9 34.57 -2.87 -7.77
C ASP A 9 34.76 -2.84 -6.25
N SER A 10 35.00 -1.66 -5.71
CA SER A 10 35.10 -1.49 -4.26
C SER A 10 33.75 -1.78 -3.60
N ILE A 11 32.69 -1.27 -4.24
CA ILE A 11 31.33 -1.47 -3.75
C ILE A 11 30.97 -2.96 -3.74
N ILE A 12 31.20 -3.62 -4.88
CA ILE A 12 30.93 -5.05 -5.02
C ILE A 12 31.76 -5.87 -4.02
N GLY A 13 33.03 -5.50 -3.87
CA GLY A 13 33.91 -6.17 -2.94
C GLY A 13 33.43 -6.12 -1.50
N ARG A 14 32.99 -4.94 -1.08
CA ARG A 14 32.45 -4.76 0.27
C ARG A 14 31.12 -5.50 0.45
N LEU A 15 30.34 -5.59 -0.61
CA LEU A 15 29.06 -6.29 -0.55
C LEU A 15 29.27 -7.80 -0.41
N LEU A 16 30.26 -8.34 -1.11
CA LEU A 16 30.54 -9.78 -1.06
C LEU A 16 31.39 -10.16 0.14
N GLU A 17 32.00 -9.15 0.76
CA GLU A 17 32.91 -9.37 1.89
C GLU A 17 32.26 -10.11 3.06
N VAL A 18 30.97 -9.88 3.26
CA VAL A 18 30.27 -10.41 4.42
C VAL A 18 29.80 -11.85 4.23
N GLN A 19 30.20 -12.48 3.13
CA GLN A 19 29.87 -13.89 2.89
C GLN A 19 30.32 -14.78 4.04
N GLY A 20 29.45 -15.69 4.46
CA GLY A 20 29.82 -16.67 5.46
C GLY A 20 30.04 -16.11 6.85
N SER A 21 29.54 -14.92 7.13
CA SER A 21 29.68 -14.37 8.47
C SER A 21 28.47 -14.75 9.31
N ARG A 22 28.70 -14.89 10.62
CA ARG A 22 27.65 -15.24 11.56
C ARG A 22 27.93 -14.64 12.92
N PRO A 23 27.01 -13.81 13.44
CA PRO A 23 25.71 -13.39 12.89
C PRO A 23 25.81 -12.55 11.61
N GLY A 24 24.77 -12.59 10.80
CA GLY A 24 24.75 -11.89 9.52
C GLY A 24 25.00 -10.39 9.61
N LYS A 25 26.11 -9.97 9.02
CA LYS A 25 26.53 -8.58 9.00
C LYS A 25 25.85 -7.70 7.95
N ASN A 26 25.58 -6.45 8.31
CA ASN A 26 25.11 -5.46 7.36
C ASN A 26 26.27 -4.96 6.51
N VAL A 27 25.97 -4.48 5.30
CA VAL A 27 26.94 -3.73 4.52
C VAL A 27 26.42 -2.31 4.35
N GLN A 28 27.09 -1.36 4.97
CA GLN A 28 26.63 0.02 4.94
C GLN A 28 27.47 0.83 3.96
N LEU A 29 27.00 0.92 2.72
CA LEU A 29 27.63 1.75 1.71
C LEU A 29 27.39 3.21 2.04
N THR A 30 28.10 4.11 1.38
CA THR A 30 27.83 5.53 1.56
C THR A 30 26.61 5.92 0.75
N GLU A 31 25.99 7.03 1.14
CA GLU A 31 24.85 7.60 0.44
C GLU A 31 25.17 7.89 -1.03
N ASN A 32 26.34 8.48 -1.27
CA ASN A 32 26.77 8.82 -2.62
C ASN A 32 27.03 7.60 -3.49
N GLU A 33 27.54 6.53 -2.89
CA GLU A 33 27.76 5.28 -3.61
C GLU A 33 26.43 4.68 -4.07
N ILE A 34 25.45 4.69 -3.18
CA ILE A 34 24.13 4.13 -3.50
C ILE A 34 23.41 4.99 -4.56
N ARG A 35 23.47 6.30 -4.40
CA ARG A 35 22.95 7.21 -5.43
C ARG A 35 23.65 7.01 -6.77
N GLY A 36 24.95 6.78 -6.73
CA GLY A 36 25.69 6.46 -7.94
C GLY A 36 25.19 5.19 -8.60
N LEU A 37 24.89 4.17 -7.80
CA LEU A 37 24.34 2.92 -8.31
C LEU A 37 23.00 3.14 -9.00
N CYS A 38 22.14 3.93 -8.37
CA CYS A 38 20.81 4.22 -8.89
C CYS A 38 20.90 5.00 -10.19
N LEU A 39 21.76 6.00 -10.22
CA LEU A 39 21.87 6.89 -11.36
C LEU A 39 22.44 6.19 -12.60
N LYS A 40 23.46 5.37 -12.39
CA LYS A 40 24.11 4.67 -13.49
C LYS A 40 23.27 3.51 -14.02
N SER A 41 22.62 2.77 -13.12
CA SER A 41 21.78 1.65 -13.53
C SER A 41 20.55 2.16 -14.27
N ARG A 42 20.03 3.30 -13.82
CA ARG A 42 18.87 3.94 -14.45
C ARG A 42 19.17 4.26 -15.92
N GLU A 43 20.36 4.79 -16.18
CA GLU A 43 20.78 5.11 -17.54
C GLU A 43 20.81 3.85 -18.42
N ILE A 44 21.35 2.77 -17.86
CA ILE A 44 21.44 1.51 -18.60
C ILE A 44 20.07 0.90 -18.87
N PHE A 45 19.20 0.94 -17.86
CA PHE A 45 17.82 0.47 -18.01
C PHE A 45 17.13 1.15 -19.18
N LEU A 46 17.26 2.47 -19.23
CA LEU A 46 16.65 3.28 -20.28
C LEU A 46 17.28 3.04 -21.65
N SER A 47 18.57 2.73 -21.67
CA SER A 47 19.27 2.50 -22.93
C SER A 47 18.94 1.15 -23.53
N GLN A 48 18.42 0.25 -22.70
CA GLN A 48 18.02 -1.07 -23.15
C GLN A 48 16.51 -1.15 -23.28
N PRO A 49 16.00 -2.08 -24.11
CA PRO A 49 14.55 -2.19 -24.33
C PRO A 49 13.76 -2.48 -23.06
N ILE A 50 12.53 -2.00 -23.00
CA ILE A 50 11.64 -2.29 -21.87
C ILE A 50 11.15 -3.72 -21.98
N LEU A 51 11.16 -4.24 -23.20
CA LEU A 51 10.92 -5.66 -23.44
C LEU A 51 12.23 -6.28 -23.89
N LEU A 52 12.93 -6.92 -22.97
CA LEU A 52 14.25 -7.47 -23.25
C LEU A 52 14.20 -8.66 -24.20
N GLU A 53 15.15 -8.69 -25.13
CA GLU A 53 15.31 -9.83 -26.01
C GLU A 53 16.62 -10.53 -25.68
N LEU A 54 16.53 -11.62 -24.94
CA LEU A 54 17.71 -12.27 -24.39
C LEU A 54 18.03 -13.60 -25.08
N GLU A 55 19.25 -14.08 -24.85
CA GLU A 55 19.68 -15.34 -25.43
C GLU A 55 20.20 -16.27 -24.33
N ALA A 56 19.85 -17.55 -24.44
CA ALA A 56 20.39 -18.58 -23.56
C ALA A 56 21.84 -18.85 -23.96
N PRO A 57 22.67 -19.40 -23.04
CA PRO A 57 22.37 -19.87 -21.68
C PRO A 57 22.23 -18.75 -20.66
N LEU A 58 21.34 -18.96 -19.68
CA LEU A 58 21.16 -18.03 -18.58
C LEU A 58 20.43 -18.69 -17.42
N LYS A 59 20.51 -18.06 -16.25
CA LYS A 59 19.78 -18.55 -15.09
C LYS A 59 18.75 -17.51 -14.65
N ILE A 60 17.54 -17.98 -14.36
CA ILE A 60 16.42 -17.10 -14.06
C ILE A 60 15.99 -17.25 -12.60
N CYS A 61 15.85 -16.13 -11.91
CA CYS A 61 15.53 -16.14 -10.48
C CYS A 61 14.23 -15.39 -10.16
N GLY A 62 13.52 -15.89 -9.16
CA GLY A 62 12.31 -15.24 -8.68
C GLY A 62 12.58 -14.32 -7.49
N ASP A 63 11.56 -14.15 -6.64
CA ASP A 63 11.60 -13.17 -5.56
C ASP A 63 12.77 -13.34 -4.59
N ILE A 64 13.31 -12.21 -4.13
CA ILE A 64 14.38 -12.22 -3.14
C ILE A 64 13.90 -11.60 -1.83
N HIS A 65 13.17 -10.48 -1.95
CA HIS A 65 12.60 -9.76 -0.82
C HIS A 65 13.58 -9.53 0.33
N GLY A 66 14.73 -8.94 0.03
CA GLY A 66 15.67 -8.49 1.04
C GLY A 66 16.36 -9.57 1.85
N GLN A 67 16.24 -10.82 1.41
CA GLN A 67 16.97 -11.92 2.05
C GLN A 67 18.35 -12.01 1.43
N TYR A 68 19.21 -11.07 1.82
CA TYR A 68 20.50 -10.83 1.16
C TYR A 68 21.43 -12.03 1.14
N TYR A 69 21.53 -12.72 2.27
CA TYR A 69 22.44 -13.87 2.36
C TYR A 69 21.95 -15.04 1.52
N ASP A 70 20.65 -15.10 1.28
CA ASP A 70 20.11 -16.07 0.33
C ASP A 70 20.49 -15.70 -1.10
N LEU A 71 20.56 -14.40 -1.40
CA LEU A 71 21.02 -13.95 -2.71
C LEU A 71 22.48 -14.35 -2.92
N LEU A 72 23.28 -14.21 -1.88
CA LEU A 72 24.68 -14.61 -1.94
C LEU A 72 24.82 -16.11 -2.15
N ARG A 73 23.92 -16.87 -1.54
CA ARG A 73 23.90 -18.32 -1.72
C ARG A 73 23.52 -18.68 -3.15
N LEU A 74 22.58 -17.95 -3.73
CA LEU A 74 22.20 -18.16 -5.13
C LEU A 74 23.39 -18.00 -6.07
N PHE A 75 24.15 -16.93 -5.88
CA PHE A 75 25.34 -16.69 -6.67
C PHE A 75 26.42 -17.73 -6.38
N GLU A 76 26.52 -18.13 -5.11
CA GLU A 76 27.51 -19.12 -4.70
C GLU A 76 27.29 -20.45 -5.40
N TYR A 77 26.04 -20.82 -5.58
CA TYR A 77 25.69 -22.11 -6.18
C TYR A 77 25.48 -22.02 -7.68
N GLY A 78 24.93 -20.90 -8.15
CA GLY A 78 24.68 -20.71 -9.56
C GLY A 78 25.87 -20.14 -10.29
N GLY A 79 26.82 -19.61 -9.53
CA GLY A 79 28.00 -19.00 -10.12
C GLY A 79 27.89 -17.48 -10.10
N PHE A 80 28.86 -16.83 -9.46
CA PHE A 80 28.90 -15.37 -9.43
C PHE A 80 29.10 -14.81 -10.82
N PRO A 81 28.42 -13.71 -11.14
CA PRO A 81 28.65 -13.03 -12.42
C PRO A 81 30.13 -12.69 -12.60
N PRO A 82 30.65 -12.81 -13.84
CA PRO A 82 29.91 -13.21 -15.03
C PRO A 82 30.05 -14.68 -15.40
N GLU A 83 30.29 -15.55 -14.42
CA GLU A 83 30.38 -16.99 -14.67
C GLU A 83 29.08 -17.48 -15.29
N SER A 84 27.97 -16.90 -14.85
CA SER A 84 26.66 -17.21 -15.40
CA SER A 84 26.67 -17.21 -15.41
C SER A 84 25.89 -15.94 -15.75
N ASN A 85 25.08 -16.01 -16.79
CA ASN A 85 24.17 -14.92 -17.13
C ASN A 85 22.94 -15.02 -16.25
N TYR A 86 22.40 -13.88 -15.83
CA TYR A 86 21.26 -13.89 -14.92
C TYR A 86 20.11 -13.02 -15.39
N LEU A 87 18.89 -13.50 -15.14
CA LEU A 87 17.69 -12.69 -15.28
C LEU A 87 16.88 -12.81 -13.99
N PHE A 88 16.65 -11.68 -13.34
CA PHE A 88 15.84 -11.67 -12.13
C PHE A 88 14.45 -11.14 -12.46
N LEU A 89 13.42 -11.70 -11.81
CA LEU A 89 12.05 -11.39 -12.17
C LEU A 89 11.36 -10.37 -11.25
N GLY A 90 12.11 -9.76 -10.35
CA GLY A 90 11.55 -8.70 -9.53
C GLY A 90 11.34 -9.02 -8.06
N ASP A 91 10.70 -8.10 -7.34
CA ASP A 91 10.48 -8.20 -5.89
C ASP A 91 11.80 -8.41 -5.16
N TYR A 92 12.70 -7.44 -5.29
CA TYR A 92 14.01 -7.49 -4.65
C TYR A 92 13.95 -6.97 -3.22
N VAL A 93 13.01 -6.08 -2.97
CA VAL A 93 12.94 -5.38 -1.68
C VAL A 93 11.67 -5.74 -0.92
N ASP A 94 11.57 -5.23 0.31
CA ASP A 94 10.44 -5.41 1.24
C ASP A 94 10.50 -6.73 1.99
N ARG A 95 9.91 -6.71 3.20
CA ARG A 95 9.76 -7.87 4.08
C ARG A 95 11.07 -8.37 4.70
N GLY A 96 12.10 -8.57 3.90
CA GLY A 96 13.37 -9.06 4.42
C GLY A 96 14.13 -8.02 5.22
N LYS A 97 15.19 -8.44 5.88
CA LYS A 97 15.95 -7.54 6.75
C LYS A 97 16.94 -6.66 6.00
N GLN A 98 17.33 -7.10 4.80
CA GLN A 98 18.41 -6.41 4.08
C GLN A 98 18.07 -6.14 2.62
N SER A 99 17.03 -5.31 2.40
CA SER A 99 16.65 -4.90 1.06
C SER A 99 17.74 -4.07 0.40
N LEU A 100 18.39 -3.21 1.19
CA LEU A 100 19.39 -2.30 0.65
C LEU A 100 20.59 -3.05 0.08
N GLU A 101 21.15 -3.97 0.85
CA GLU A 101 22.26 -4.79 0.38
C GLU A 101 21.85 -5.58 -0.86
N THR A 102 20.64 -6.11 -0.83
CA THR A 102 20.11 -6.90 -1.93
C THR A 102 20.05 -6.11 -3.24
N ILE A 103 19.37 -4.96 -3.22
CA ILE A 103 19.17 -4.20 -4.44
C ILE A 103 20.49 -3.55 -4.90
N CYS A 104 21.33 -3.17 -3.95
CA CYS A 104 22.62 -2.56 -4.30
C CYS A 104 23.53 -3.52 -5.04
N LEU A 105 23.59 -4.78 -4.59
CA LEU A 105 24.41 -5.77 -5.27
C LEU A 105 23.89 -6.03 -6.67
N LEU A 106 22.56 -6.09 -6.79
CA LEU A 106 21.92 -6.33 -8.09
C LEU A 106 22.16 -5.18 -9.05
N LEU A 107 22.03 -3.94 -8.56
CA LEU A 107 22.29 -2.78 -9.39
C LEU A 107 23.76 -2.71 -9.80
N ALA A 108 24.64 -3.07 -8.87
CA ALA A 108 26.08 -3.07 -9.12
C ALA A 108 26.45 -4.05 -10.23
N TYR A 109 25.90 -5.26 -10.16
CA TYR A 109 26.16 -6.26 -11.19
C TYR A 109 25.56 -5.87 -12.53
N LYS A 110 24.45 -5.15 -12.50
CA LYS A 110 23.84 -4.63 -13.72
C LYS A 110 24.78 -3.65 -14.41
N ILE A 111 25.38 -2.75 -13.63
CA ILE A 111 26.31 -1.77 -14.16
C ILE A 111 27.61 -2.44 -14.62
N LYS A 112 28.07 -3.40 -13.83
CA LYS A 112 29.33 -4.09 -14.11
C LYS A 112 29.23 -4.97 -15.36
N TYR A 113 28.13 -5.72 -15.48
CA TYR A 113 27.93 -6.62 -16.61
C TYR A 113 26.60 -6.34 -17.32
N PRO A 114 26.50 -5.21 -18.01
CA PRO A 114 25.22 -4.74 -18.55
C PRO A 114 24.62 -5.62 -19.66
N GLU A 115 25.44 -6.49 -20.24
CA GLU A 115 24.96 -7.34 -21.33
C GLU A 115 24.76 -8.79 -20.87
N ASN A 116 25.11 -9.09 -19.63
CA ASN A 116 25.02 -10.45 -19.12
C ASN A 116 24.21 -10.56 -17.83
N PHE A 117 23.62 -9.44 -17.42
CA PHE A 117 22.92 -9.37 -16.15
C PHE A 117 21.67 -8.51 -16.31
N PHE A 118 20.51 -9.05 -15.95
CA PHE A 118 19.26 -8.34 -16.21
C PHE A 118 18.27 -8.41 -15.06
N LEU A 119 17.55 -7.31 -14.85
CA LEU A 119 16.60 -7.19 -13.75
C LEU A 119 15.25 -6.72 -14.27
N LEU A 120 14.20 -7.48 -13.99
CA LEU A 120 12.85 -7.05 -14.34
C LEU A 120 12.19 -6.35 -13.16
N ARG A 121 11.11 -5.64 -13.43
CA ARG A 121 10.36 -4.97 -12.38
C ARG A 121 9.32 -5.89 -11.75
N GLY A 122 9.30 -5.95 -10.43
CA GLY A 122 8.24 -6.64 -9.72
C GLY A 122 7.28 -5.61 -9.15
N ASN A 123 6.17 -6.07 -8.58
CA ASN A 123 5.17 -5.14 -8.06
C ASN A 123 5.63 -4.42 -6.79
N HIS A 124 6.69 -4.93 -6.16
CA HIS A 124 7.27 -4.25 -5.00
C HIS A 124 8.32 -3.20 -5.38
N GLU A 125 8.71 -3.17 -6.66
CA GLU A 125 9.55 -2.09 -7.15
C GLU A 125 8.67 -0.91 -7.55
N CYS A 126 7.88 -0.47 -6.58
CA CYS A 126 6.84 0.52 -6.79
C CYS A 126 6.64 1.26 -5.47
N ALA A 127 6.61 2.59 -5.53
CA ALA A 127 6.63 3.41 -4.31
C ALA A 127 5.42 3.19 -3.41
N SER A 128 4.24 3.03 -4.01
CA SER A 128 3.02 2.88 -3.23
C SER A 128 3.03 1.58 -2.44
N ILE A 129 3.82 0.62 -2.89
CA ILE A 129 3.93 -0.66 -2.22
C ILE A 129 5.10 -0.73 -1.24
N ASN A 130 6.30 -0.39 -1.69
CA ASN A 130 7.47 -0.56 -0.83
C ASN A 130 7.62 0.55 0.21
N ARG A 131 6.73 1.54 0.16
CA ARG A 131 6.63 2.51 1.25
C ARG A 131 6.11 1.82 2.49
N ILE A 132 5.30 0.80 2.27
CA ILE A 132 4.58 0.14 3.34
C ILE A 132 5.24 -1.14 3.85
N TYR A 133 5.79 -1.93 2.92
CA TYR A 133 6.20 -3.30 3.26
C TYR A 133 7.66 -3.45 3.67
N GLY A 134 8.34 -2.34 3.95
CA GLY A 134 9.64 -2.43 4.59
C GLY A 134 10.78 -1.62 4.00
N PHE A 135 10.79 -1.45 2.68
CA PHE A 135 11.94 -0.82 2.02
C PHE A 135 12.13 0.63 2.42
N TYR A 136 11.02 1.38 2.47
CA TYR A 136 11.06 2.78 2.89
C TYR A 136 11.57 2.91 4.33
N ASP A 137 11.08 2.04 5.20
CA ASP A 137 11.49 2.06 6.61
C ASP A 137 12.99 1.79 6.73
N GLU A 138 13.51 0.88 5.91
CA GLU A 138 14.93 0.57 5.91
C GLU A 138 15.75 1.75 5.41
N CYS A 139 15.27 2.39 4.34
CA CYS A 139 15.93 3.58 3.79
C CYS A 139 15.96 4.72 4.80
N LYS A 140 14.84 4.93 5.47
CA LYS A 140 14.71 6.02 6.44
C LYS A 140 15.62 5.79 7.64
N ARG A 141 15.68 4.54 8.10
CA ARG A 141 16.49 4.20 9.26
C ARG A 141 17.99 4.26 8.99
N ARG A 142 18.42 3.72 7.85
CA ARG A 142 19.85 3.57 7.57
C ARG A 142 20.42 4.72 6.73
N TYR A 143 19.56 5.47 6.07
CA TYR A 143 20.00 6.61 5.27
C TYR A 143 19.05 7.79 5.47
N ASN A 144 18.28 8.13 4.44
CA ASN A 144 17.29 9.20 4.58
C ASN A 144 16.17 9.04 3.57
N ILE A 145 15.13 9.87 3.71
CA ILE A 145 13.95 9.78 2.86
C ILE A 145 14.29 10.09 1.41
N LYS A 146 15.20 11.04 1.21
CA LYS A 146 15.62 11.43 -0.14
C LYS A 146 16.19 10.26 -0.94
N LEU A 147 16.93 9.37 -0.27
CA LEU A 147 17.51 8.21 -0.93
C LEU A 147 16.42 7.24 -1.43
N TRP A 148 15.36 7.08 -0.64
CA TRP A 148 14.24 6.23 -1.03
C TRP A 148 13.61 6.73 -2.32
N LYS A 149 13.46 8.05 -2.42
CA LYS A 149 12.89 8.66 -3.61
C LYS A 149 13.82 8.53 -4.81
N THR A 150 15.13 8.45 -4.56
CA THR A 150 16.09 8.17 -5.62
C THR A 150 15.92 6.74 -6.14
N PHE A 151 15.71 5.80 -5.22
CA PHE A 151 15.41 4.42 -5.61
C PHE A 151 14.15 4.33 -6.47
N THR A 152 13.12 5.08 -6.08
CA THR A 152 11.85 5.07 -6.80
C THR A 152 12.03 5.51 -8.24
N ASP A 153 12.80 6.58 -8.44
CA ASP A 153 13.08 7.09 -9.78
C ASP A 153 13.83 6.06 -10.61
N CYS A 154 14.69 5.29 -9.94
CA CYS A 154 15.41 4.21 -10.59
C CYS A 154 14.47 3.05 -10.94
N PHE A 155 13.65 2.66 -9.98
CA PHE A 155 12.70 1.55 -10.17
C PHE A 155 11.71 1.84 -11.30
N ASN A 156 11.36 3.12 -11.47
CA ASN A 156 10.42 3.52 -12.50
C ASN A 156 10.94 3.31 -13.93
N CYS A 157 12.22 2.94 -14.05
CA CYS A 157 12.83 2.74 -15.36
C CYS A 157 13.21 1.28 -15.63
N LEU A 158 12.90 0.39 -14.70
CA LEU A 158 13.15 -1.03 -14.88
C LEU A 158 12.38 -1.59 -16.07
N PRO A 159 12.98 -2.52 -16.82
CA PRO A 159 12.22 -3.20 -17.87
C PRO A 159 11.12 -4.07 -17.29
N ILE A 160 10.14 -4.44 -18.09
CA ILE A 160 8.92 -5.06 -17.58
C ILE A 160 8.85 -6.55 -17.92
N ALA A 161 9.41 -6.94 -19.06
CA ALA A 161 9.38 -8.33 -19.45
C ALA A 161 10.59 -8.70 -20.29
N ALA A 162 10.80 -9.99 -20.47
CA ALA A 162 11.90 -10.48 -21.30
C ALA A 162 11.47 -11.70 -22.08
N ILE A 163 11.97 -11.83 -23.31
CA ILE A 163 11.77 -13.04 -24.09
C ILE A 163 13.11 -13.70 -24.39
N VAL A 164 13.25 -14.95 -23.98
CA VAL A 164 14.50 -15.68 -24.18
C VAL A 164 14.46 -16.51 -25.46
N ASP A 165 15.30 -16.12 -26.42
CA ASP A 165 15.40 -16.81 -27.71
C ASP A 165 14.03 -17.03 -28.36
N GLU A 166 13.17 -16.03 -28.24
CA GLU A 166 11.87 -16.01 -28.89
C GLU A 166 10.96 -17.17 -28.48
N LYS A 167 11.20 -17.77 -27.31
CA LYS A 167 10.42 -18.94 -26.88
CA LYS A 167 10.41 -18.93 -26.88
C LYS A 167 9.97 -18.87 -25.43
N ILE A 168 10.73 -18.17 -24.60
CA ILE A 168 10.38 -18.08 -23.18
C ILE A 168 9.99 -16.67 -22.77
N PHE A 169 8.72 -16.47 -22.46
CA PHE A 169 8.23 -15.16 -22.02
C PHE A 169 8.34 -15.01 -20.51
N CYS A 170 9.06 -13.99 -20.08
CA CYS A 170 9.33 -13.79 -18.65
C CYS A 170 8.78 -12.47 -18.13
N CYS A 171 8.08 -12.53 -17.01
CA CYS A 171 7.65 -11.33 -16.28
C CYS A 171 7.40 -11.70 -14.82
N HIS A 172 7.19 -10.71 -13.97
CA HIS A 172 7.01 -10.99 -12.55
C HIS A 172 5.68 -11.67 -12.26
N GLY A 173 4.59 -11.04 -12.68
CA GLY A 173 3.25 -11.53 -12.37
C GLY A 173 2.75 -12.56 -13.37
N GLY A 174 2.21 -12.09 -14.49
CA GLY A 174 1.71 -12.98 -15.51
C GLY A 174 1.05 -12.27 -16.68
N LEU A 175 0.07 -12.94 -17.27
CA LEU A 175 -0.57 -12.44 -18.49
C LEU A 175 -1.61 -11.36 -18.21
N SER A 176 -2.04 -10.71 -19.28
CA SER A 176 -3.02 -9.64 -19.19
C SER A 176 -4.09 -9.82 -20.26
N PRO A 177 -5.36 -9.54 -19.91
CA PRO A 177 -6.40 -9.61 -20.94
C PRO A 177 -6.25 -8.50 -21.98
N ASP A 178 -5.41 -7.52 -21.67
CA ASP A 178 -5.16 -6.40 -22.58
C ASP A 178 -3.93 -6.62 -23.47
N LEU A 179 -3.27 -7.77 -23.31
CA LEU A 179 -2.05 -8.02 -24.06
C LEU A 179 -2.33 -8.76 -25.37
N GLN A 180 -2.45 -8.01 -26.45
CA GLN A 180 -2.70 -8.57 -27.77
C GLN A 180 -1.41 -8.68 -28.57
N SER A 181 -0.58 -7.65 -28.47
CA SER A 181 0.69 -7.63 -29.20
C SER A 181 1.84 -7.23 -28.28
N MET A 182 3.02 -7.77 -28.56
CA MET A 182 4.22 -7.43 -27.80
C MET A 182 4.57 -5.96 -27.96
N GLU A 183 4.08 -5.33 -29.02
CA GLU A 183 4.34 -3.91 -29.24
C GLU A 183 3.69 -3.06 -28.16
N GLN A 184 2.63 -3.57 -27.56
CA GLN A 184 1.94 -2.89 -26.47
C GLN A 184 2.86 -2.73 -25.26
N ILE A 185 3.75 -3.70 -25.07
CA ILE A 185 4.76 -3.63 -24.01
C ILE A 185 5.86 -2.66 -24.43
N ARG A 186 6.32 -2.80 -25.66
CA ARG A 186 7.39 -1.96 -26.21
C ARG A 186 7.01 -0.48 -26.24
N ARG A 187 5.71 -0.20 -26.29
CA ARG A 187 5.22 1.17 -26.39
C ARG A 187 5.15 1.89 -25.04
N ILE A 188 5.32 1.14 -23.96
CA ILE A 188 5.27 1.75 -22.63
C ILE A 188 6.50 2.62 -22.40
N MET A 189 6.27 3.88 -22.06
CA MET A 189 7.37 4.83 -21.89
C MET A 189 7.84 4.89 -20.44
N ARG A 190 9.14 5.11 -20.27
CA ARG A 190 9.74 5.21 -18.95
C ARG A 190 10.38 6.58 -18.77
N PRO A 191 10.42 7.10 -17.53
CA PRO A 191 9.94 6.48 -16.28
C PRO A 191 8.43 6.40 -16.18
N THR A 192 7.95 5.37 -15.50
CA THR A 192 6.52 5.24 -15.24
C THR A 192 6.28 4.60 -13.89
N ASP A 193 5.15 4.95 -13.28
CA ASP A 193 4.72 4.26 -12.07
C ASP A 193 3.92 3.03 -12.50
N VAL A 194 3.56 2.18 -11.55
CA VAL A 194 2.71 1.05 -11.85
C VAL A 194 1.26 1.44 -11.58
N PRO A 195 0.43 1.49 -12.63
CA PRO A 195 -0.98 1.86 -12.48
C PRO A 195 -1.75 0.80 -11.70
N ASP A 196 -2.93 1.15 -11.19
CA ASP A 196 -3.70 0.22 -10.38
C ASP A 196 -4.54 -0.73 -11.24
N GLN A 197 -4.48 -0.53 -12.55
CA GLN A 197 -5.15 -1.42 -13.50
C GLN A 197 -4.52 -1.27 -14.88
N GLY A 198 -4.75 -2.25 -15.75
CA GLY A 198 -4.23 -2.19 -17.10
C GLY A 198 -3.06 -3.13 -17.33
N LEU A 199 -2.53 -3.10 -18.54
CA LEU A 199 -1.47 -4.01 -18.99
C LEU A 199 -0.26 -4.08 -18.05
N LEU A 200 0.30 -2.91 -17.71
CA LEU A 200 1.49 -2.86 -16.87
C LEU A 200 1.21 -3.44 -15.49
N CYS A 201 0.04 -3.11 -14.96
CA CYS A 201 -0.40 -3.66 -13.68
C CYS A 201 -0.46 -5.19 -13.71
N ASP A 202 -1.13 -5.73 -14.73
CA ASP A 202 -1.33 -7.18 -14.83
C ASP A 202 -0.02 -7.95 -14.95
N LEU A 203 0.91 -7.41 -15.75
CA LEU A 203 2.21 -8.04 -15.95
C LEU A 203 2.98 -8.19 -14.64
N LEU A 204 2.67 -7.33 -13.68
CA LEU A 204 3.36 -7.35 -12.39
C LEU A 204 2.52 -7.94 -11.25
N TRP A 205 1.23 -8.19 -11.52
CA TRP A 205 0.31 -8.56 -10.43
C TRP A 205 -0.50 -9.85 -10.62
N SER A 206 -0.74 -10.27 -11.86
CA SER A 206 -1.67 -11.38 -12.11
C SER A 206 -1.10 -12.75 -11.70
N ASP A 207 -1.98 -13.71 -11.50
CA ASP A 207 -1.61 -15.06 -11.09
C ASP A 207 -2.30 -16.12 -11.95
N PRO A 208 -1.65 -17.28 -12.13
CA PRO A 208 -2.36 -18.40 -12.75
C PRO A 208 -3.31 -19.04 -11.73
N ASP A 209 -4.38 -19.67 -12.19
CA ASP A 209 -5.31 -20.35 -11.29
C ASP A 209 -5.86 -21.59 -11.98
N LYS A 210 -5.75 -22.73 -11.30
CA LYS A 210 -6.16 -24.01 -11.87
C LYS A 210 -7.68 -24.19 -11.92
N ASP A 211 -8.42 -23.35 -11.20
CA ASP A 211 -9.87 -23.52 -11.08
C ASP A 211 -10.65 -22.53 -11.94
N VAL A 212 -9.96 -21.59 -12.56
CA VAL A 212 -10.62 -20.63 -13.45
C VAL A 212 -10.27 -21.04 -14.88
N GLN A 213 -11.20 -20.84 -15.80
CA GLN A 213 -10.98 -21.21 -17.19
C GLN A 213 -10.34 -20.06 -17.97
N GLY A 214 -11.02 -18.93 -18.00
CA GLY A 214 -10.54 -17.75 -18.69
C GLY A 214 -9.90 -16.80 -17.70
N TRP A 215 -10.51 -15.63 -17.55
CA TRP A 215 -10.01 -14.62 -16.62
C TRP A 215 -10.94 -14.55 -15.41
N GLY A 216 -10.35 -14.42 -14.23
CA GLY A 216 -11.11 -14.34 -13.01
C GLY A 216 -10.61 -13.23 -12.12
N GLU A 217 -11.30 -13.00 -11.02
CA GLU A 217 -10.90 -11.95 -10.09
C GLU A 217 -9.81 -12.45 -9.16
N ASN A 218 -8.84 -11.59 -8.87
CA ASN A 218 -7.71 -11.98 -8.05
C ASN A 218 -7.95 -11.65 -6.59
N ASP A 219 -7.72 -12.63 -5.71
CA ASP A 219 -7.89 -12.44 -4.27
C ASP A 219 -7.05 -11.29 -3.70
N ARG A 220 -5.97 -10.93 -4.39
CA ARG A 220 -5.13 -9.83 -3.95
C ARG A 220 -5.87 -8.50 -3.94
N GLY A 221 -6.96 -8.43 -4.71
CA GLY A 221 -7.72 -7.20 -4.86
C GLY A 221 -7.16 -6.36 -5.99
N VAL A 222 -6.16 -6.90 -6.68
CA VAL A 222 -5.52 -6.23 -7.80
C VAL A 222 -5.44 -7.21 -8.98
N SER A 223 -5.70 -6.71 -10.18
CA SER A 223 -5.50 -7.48 -11.42
C SER A 223 -6.38 -8.73 -11.48
N PHE A 224 -5.90 -9.76 -12.18
CA PHE A 224 -6.73 -10.92 -12.48
C PHE A 224 -6.02 -12.24 -12.18
N THR A 225 -6.79 -13.32 -12.27
CA THR A 225 -6.24 -14.65 -12.43
C THR A 225 -6.47 -15.11 -13.86
N PHE A 226 -5.68 -16.06 -14.32
CA PHE A 226 -5.88 -16.63 -15.65
C PHE A 226 -5.72 -18.14 -15.61
N GLY A 227 -6.46 -18.84 -16.48
CA GLY A 227 -6.47 -20.29 -16.47
C GLY A 227 -5.55 -20.91 -17.48
N ALA A 228 -5.55 -22.25 -17.53
CA ALA A 228 -4.67 -23.01 -18.40
C ALA A 228 -4.92 -22.73 -19.88
N GLU A 229 -6.20 -22.54 -20.24
CA GLU A 229 -6.58 -22.28 -21.62
C GLU A 229 -6.02 -20.93 -22.11
N VAL A 230 -6.04 -19.93 -21.23
CA VAL A 230 -5.45 -18.63 -21.54
C VAL A 230 -3.96 -18.77 -21.86
N VAL A 231 -3.26 -19.56 -21.05
CA VAL A 231 -1.85 -19.82 -21.27
C VAL A 231 -1.60 -20.51 -22.62
N ALA A 232 -2.39 -21.54 -22.91
CA ALA A 232 -2.28 -22.27 -24.17
C ALA A 232 -2.47 -21.36 -25.38
N LYS A 233 -3.53 -20.56 -25.34
CA LYS A 233 -3.85 -19.64 -26.43
C LYS A 233 -2.75 -18.61 -26.65
N PHE A 234 -2.23 -18.08 -25.53
CA PHE A 234 -1.16 -17.08 -25.58
C PHE A 234 0.09 -17.63 -26.23
N LEU A 235 0.50 -18.83 -25.81
CA LEU A 235 1.71 -19.46 -26.35
C LEU A 235 1.59 -19.76 -27.84
N HIS A 236 0.42 -20.24 -28.25
CA HIS A 236 0.19 -20.57 -29.66
C HIS A 236 0.22 -19.32 -30.54
N LYS A 237 -0.48 -18.28 -30.10
CA LYS A 237 -0.58 -17.05 -30.86
C LYS A 237 0.78 -16.37 -31.08
N HIS A 238 1.62 -16.39 -30.05
CA HIS A 238 2.90 -15.69 -30.10
C HIS A 238 4.08 -16.62 -30.38
N ASP A 239 3.77 -17.88 -30.68
CA ASP A 239 4.80 -18.87 -31.02
C ASP A 239 5.84 -19.01 -29.91
N LEU A 240 5.35 -19.13 -28.67
CA LEU A 240 6.23 -19.30 -27.51
C LEU A 240 6.07 -20.71 -26.96
N ASP A 241 7.04 -21.16 -26.17
CA ASP A 241 6.97 -22.49 -25.57
C ASP A 241 6.64 -22.44 -24.09
N LEU A 242 6.99 -21.34 -23.43
CA LEU A 242 6.94 -21.31 -21.98
C LEU A 242 6.78 -19.92 -21.38
N ILE A 243 5.96 -19.84 -20.33
CA ILE A 243 5.88 -18.63 -19.53
CA ILE A 243 5.87 -18.63 -19.51
C ILE A 243 6.66 -18.83 -18.22
N CYS A 244 7.59 -17.92 -17.96
CA CYS A 244 8.36 -18.01 -16.73
C CYS A 244 8.06 -16.78 -15.87
N ARG A 245 7.49 -17.01 -14.69
CA ARG A 245 7.13 -15.91 -13.81
C ARG A 245 7.45 -16.25 -12.36
N ALA A 246 7.12 -15.33 -11.46
CA ALA A 246 7.45 -15.46 -10.05
C ALA A 246 6.23 -15.14 -9.21
N HIS A 247 6.39 -14.21 -8.28
CA HIS A 247 5.27 -13.51 -7.64
C HIS A 247 4.49 -14.35 -6.62
N GLN A 248 4.65 -15.67 -6.65
CA GLN A 248 4.02 -16.53 -5.65
C GLN A 248 4.99 -17.52 -5.01
N VAL A 249 4.92 -17.65 -3.69
CA VAL A 249 5.79 -18.60 -2.99
C VAL A 249 5.31 -20.02 -3.27
N VAL A 250 6.24 -20.88 -3.66
CA VAL A 250 5.94 -22.28 -3.95
C VAL A 250 6.90 -23.17 -3.17
N GLU A 251 6.38 -24.28 -2.65
CA GLU A 251 7.11 -25.11 -1.69
C GLU A 251 8.49 -25.59 -2.17
N ASP A 252 8.60 -25.94 -3.45
CA ASP A 252 9.85 -26.49 -3.97
C ASP A 252 10.68 -25.45 -4.70
N GLY A 253 10.28 -24.18 -4.60
CA GLY A 253 11.00 -23.10 -5.26
C GLY A 253 10.59 -22.90 -6.70
N TYR A 254 10.11 -23.97 -7.33
CA TYR A 254 9.53 -23.88 -8.66
C TYR A 254 8.23 -24.67 -8.68
N GLU A 255 7.34 -24.35 -9.61
CA GLU A 255 6.09 -25.08 -9.71
C GLU A 255 5.49 -24.92 -11.11
N PHE A 256 5.16 -26.04 -11.74
CA PHE A 256 4.59 -26.04 -13.08
C PHE A 256 3.10 -25.74 -13.06
N PHE A 257 2.61 -25.24 -14.18
CA PHE A 257 1.21 -24.95 -14.38
C PHE A 257 0.86 -25.27 -15.83
N ALA A 258 -0.32 -25.85 -16.05
CA ALA A 258 -0.82 -26.18 -17.38
C ALA A 258 0.15 -27.04 -18.19
N LYS A 259 0.49 -28.23 -17.67
CA LYS A 259 1.38 -29.17 -18.35
C LYS A 259 2.70 -28.55 -18.81
N ARG A 260 3.41 -27.92 -17.87
CA ARG A 260 4.71 -27.32 -18.10
C ARG A 260 4.72 -26.19 -19.13
N GLN A 261 3.54 -25.61 -19.39
CA GLN A 261 3.46 -24.43 -20.24
C GLN A 261 3.78 -23.15 -19.47
N LEU A 262 3.73 -23.24 -18.15
CA LEU A 262 4.09 -22.12 -17.28
C LEU A 262 4.85 -22.64 -16.07
N VAL A 263 5.84 -21.88 -15.62
CA VAL A 263 6.54 -22.21 -14.40
C VAL A 263 6.61 -20.99 -13.48
N THR A 264 6.39 -21.21 -12.19
CA THR A 264 6.54 -20.16 -11.20
C THR A 264 7.85 -20.35 -10.47
N LEU A 265 8.65 -19.29 -10.37
CA LEU A 265 9.91 -19.36 -9.66
C LEU A 265 9.88 -18.50 -8.39
N PHE A 266 10.44 -19.03 -7.31
CA PHE A 266 10.57 -18.28 -6.07
C PHE A 266 11.92 -18.60 -5.45
N SER A 267 12.78 -17.59 -5.31
CA SER A 267 14.19 -17.83 -4.99
C SER A 267 14.57 -17.50 -3.54
N ALA A 268 13.60 -17.17 -2.71
CA ALA A 268 13.88 -16.89 -1.30
C ALA A 268 13.44 -18.04 -0.40
N PRO A 269 14.40 -18.88 0.04
CA PRO A 269 14.09 -20.04 0.88
C PRO A 269 13.60 -19.62 2.26
N ASN A 270 12.76 -20.44 2.89
CA ASN A 270 12.15 -20.11 4.18
C ASN A 270 11.65 -18.67 4.22
N TYR A 271 10.81 -18.35 3.23
CA TYR A 271 10.34 -17.00 2.96
C TYR A 271 9.94 -16.22 4.22
N CYS A 272 10.68 -15.13 4.46
CA CYS A 272 10.54 -14.27 5.64
C CYS A 272 10.31 -15.02 6.96
N GLY A 273 10.95 -16.19 7.09
CA GLY A 273 10.90 -16.96 8.31
C GLY A 273 9.55 -17.53 8.67
N GLU A 274 8.61 -17.51 7.73
CA GLU A 274 7.26 -17.96 7.98
C GLU A 274 6.88 -19.22 7.20
N PHE A 275 7.68 -19.54 6.18
CA PHE A 275 7.41 -20.71 5.35
C PHE A 275 8.61 -21.65 5.39
N ASP A 276 8.39 -22.90 4.97
CA ASP A 276 9.46 -23.89 4.93
C ASP A 276 9.83 -24.21 3.49
N ASN A 277 9.55 -23.26 2.60
CA ASN A 277 9.79 -23.44 1.18
C ASN A 277 11.27 -23.48 0.81
N ALA A 278 11.57 -24.14 -0.29
CA ALA A 278 12.89 -24.04 -0.90
C ALA A 278 12.90 -22.83 -1.83
N GLY A 279 14.08 -22.40 -2.23
CA GLY A 279 14.22 -21.38 -3.25
C GLY A 279 14.76 -22.06 -4.49
N ALA A 280 14.35 -21.59 -5.67
CA ALA A 280 14.83 -22.23 -6.89
C ALA A 280 15.26 -21.22 -7.93
N MET A 281 16.12 -21.72 -8.81
CA MET A 281 16.66 -20.96 -9.92
C MET A 281 16.51 -21.83 -11.16
N MET A 282 16.04 -21.27 -12.27
CA MET A 282 15.90 -22.09 -13.47
C MET A 282 17.09 -21.90 -14.39
N SER A 283 17.82 -23.00 -14.61
CA SER A 283 18.97 -22.97 -15.50
C SER A 283 18.55 -23.33 -16.91
N VAL A 284 18.79 -22.41 -17.84
CA VAL A 284 18.43 -22.61 -19.23
C VAL A 284 19.70 -22.72 -20.06
N ASP A 285 19.97 -23.89 -20.63
CA ASP A 285 21.19 -24.02 -21.43
C ASP A 285 20.97 -23.46 -22.83
N GLU A 286 22.01 -23.55 -23.66
CA GLU A 286 22.00 -22.92 -24.98
C GLU A 286 20.88 -23.42 -25.89
N THR A 287 20.45 -24.66 -25.69
CA THR A 287 19.40 -25.24 -26.52
C THR A 287 18.01 -25.05 -25.93
N LEU A 288 17.94 -24.26 -24.86
CA LEU A 288 16.72 -24.04 -24.08
C LEU A 288 16.23 -25.30 -23.37
N MET A 289 17.15 -26.21 -23.04
CA MET A 289 16.80 -27.29 -22.12
C MET A 289 16.84 -26.74 -20.70
N CYS A 290 15.69 -26.75 -20.04
CA CYS A 290 15.58 -26.10 -18.73
C CYS A 290 15.61 -27.10 -17.58
N SER A 291 16.33 -26.73 -16.52
CA SER A 291 16.35 -27.53 -15.30
C SER A 291 16.37 -26.59 -14.10
N PHE A 292 16.30 -27.14 -12.90
CA PHE A 292 16.21 -26.30 -11.70
C PHE A 292 17.32 -26.58 -10.70
N GLN A 293 17.89 -25.50 -10.16
CA GLN A 293 18.82 -25.60 -9.05
C GLN A 293 18.08 -25.13 -7.80
N ILE A 294 18.08 -25.96 -6.76
CA ILE A 294 17.19 -25.76 -5.63
C ILE A 294 17.94 -25.44 -4.34
N LEU A 295 17.62 -24.29 -3.76
CA LEU A 295 18.22 -23.85 -2.51
C LEU A 295 17.36 -24.26 -1.33
N LYS A 296 17.93 -25.04 -0.42
CA LYS A 296 17.17 -25.57 0.71
C LYS A 296 18.02 -25.68 1.96
N PRO A 297 17.51 -25.21 3.11
CA PRO A 297 18.26 -25.44 4.35
C PRO A 297 18.30 -26.92 4.71
N ALA A 298 19.43 -27.37 5.26
CA ALA A 298 19.58 -28.76 5.67
C ALA A 298 18.72 -29.03 6.90
N ASP A 299 18.18 -30.25 6.99
CA ASP A 299 17.42 -30.66 8.16
C ASP A 299 17.85 -32.05 8.61
N LEU B 6 -34.89 0.48 -0.38
CA LEU B 6 -33.93 0.53 0.72
C LEU B 6 -34.64 0.85 2.03
N ASN B 7 -34.70 -0.14 2.93
CA ASN B 7 -35.35 0.02 4.22
C ASN B 7 -34.38 0.57 5.27
N LEU B 8 -34.21 1.89 5.27
CA LEU B 8 -33.22 2.55 6.12
C LEU B 8 -33.42 2.25 7.61
N ASP B 9 -34.66 2.37 8.07
CA ASP B 9 -34.94 2.27 9.50
C ASP B 9 -34.70 0.86 10.04
N SER B 10 -34.93 -0.15 9.20
CA SER B 10 -34.62 -1.52 9.58
C SER B 10 -33.11 -1.71 9.69
N ILE B 11 -32.37 -1.15 8.74
CA ILE B 11 -30.92 -1.23 8.73
C ILE B 11 -30.31 -0.55 9.95
N ILE B 12 -30.74 0.68 10.20
CA ILE B 12 -30.27 1.43 11.36
C ILE B 12 -30.62 0.70 12.65
N GLY B 13 -31.85 0.16 12.71
CA GLY B 13 -32.29 -0.58 13.86
C GLY B 13 -31.44 -1.80 14.21
N ARG B 14 -31.10 -2.59 13.19
CA ARG B 14 -30.26 -3.76 13.38
C ARG B 14 -28.83 -3.38 13.78
N LEU B 15 -28.36 -2.25 13.27
CA LEU B 15 -27.03 -1.75 13.59
C LEU B 15 -26.94 -1.28 15.04
N LEU B 16 -27.99 -0.61 15.52
CA LEU B 16 -28.03 -0.09 16.88
C LEU B 16 -28.43 -1.17 17.88
N GLU B 17 -28.97 -2.28 17.37
CA GLU B 17 -29.47 -3.37 18.20
C GLU B 17 -28.42 -3.94 19.15
N VAL B 18 -27.16 -3.91 18.73
CA VAL B 18 -26.08 -4.56 19.47
C VAL B 18 -25.52 -3.72 20.61
N GLN B 19 -26.14 -2.57 20.89
CA GLN B 19 -25.75 -1.76 22.02
C GLN B 19 -25.85 -2.56 23.33
N GLY B 20 -24.85 -2.41 24.18
CA GLY B 20 -24.84 -3.05 25.49
C GLY B 20 -24.63 -4.56 25.42
N SER B 21 -24.17 -5.03 24.26
CA SER B 21 -23.80 -6.42 24.09
C SER B 21 -22.29 -6.54 24.29
N ARG B 22 -21.82 -7.73 24.66
CA ARG B 22 -20.38 -7.98 24.75
C ARG B 22 -19.73 -7.47 23.49
N PRO B 23 -18.82 -6.49 23.61
CA PRO B 23 -18.35 -5.78 22.42
C PRO B 23 -17.65 -6.69 21.43
N GLY B 24 -17.76 -6.36 20.16
CA GLY B 24 -17.22 -7.21 19.11
C GLY B 24 -18.29 -8.06 18.47
N LYS B 25 -19.54 -7.89 18.88
CA LYS B 25 -20.62 -8.66 18.29
C LYS B 25 -20.92 -8.05 16.93
N ASN B 26 -21.04 -8.90 15.92
CA ASN B 26 -21.27 -8.44 14.56
C ASN B 26 -22.69 -8.06 14.22
N VAL B 27 -22.83 -7.15 13.27
CA VAL B 27 -24.10 -6.90 12.59
C VAL B 27 -23.89 -7.23 11.12
N GLN B 28 -24.53 -8.30 10.65
CA GLN B 28 -24.34 -8.75 9.28
C GLN B 28 -25.54 -8.36 8.42
N LEU B 29 -25.45 -7.20 7.78
CA LEU B 29 -26.48 -6.78 6.84
C LEU B 29 -26.39 -7.63 5.58
N THR B 30 -27.40 -7.55 4.72
CA THR B 30 -27.34 -8.27 3.45
C THR B 30 -26.47 -7.51 2.47
N GLU B 31 -25.98 -8.22 1.47
CA GLU B 31 -25.18 -7.63 0.41
C GLU B 31 -25.93 -6.51 -0.32
N ASN B 32 -27.21 -6.75 -0.60
CA ASN B 32 -28.04 -5.77 -1.30
C ASN B 32 -28.31 -4.53 -0.45
N GLU B 33 -28.45 -4.72 0.86
CA GLU B 33 -28.64 -3.58 1.77
C GLU B 33 -27.41 -2.68 1.80
N ILE B 34 -26.23 -3.30 1.87
CA ILE B 34 -24.98 -2.55 1.90
C ILE B 34 -24.75 -1.84 0.57
N ARG B 35 -25.01 -2.55 -0.53
CA ARG B 35 -24.89 -1.97 -1.86
C ARG B 35 -25.84 -0.77 -1.97
N GLY B 36 -27.04 -0.93 -1.41
CA GLY B 36 -28.02 0.13 -1.38
C GLY B 36 -27.53 1.35 -0.62
N LEU B 37 -26.85 1.12 0.51
CA LEU B 37 -26.28 2.19 1.29
C LEU B 37 -25.23 2.96 0.48
N CYS B 38 -24.40 2.22 -0.25
CA CYS B 38 -23.34 2.81 -1.05
C CYS B 38 -23.87 3.66 -2.20
N LEU B 39 -24.84 3.13 -2.93
CA LEU B 39 -25.39 3.83 -4.10
C LEU B 39 -26.16 5.09 -3.73
N LYS B 40 -26.96 5.03 -2.67
CA LYS B 40 -27.78 6.17 -2.26
C LYS B 40 -26.92 7.27 -1.64
N SER B 41 -25.94 6.88 -0.85
CA SER B 41 -25.04 7.86 -0.23
C SER B 41 -24.17 8.52 -1.28
N ARG B 42 -23.77 7.74 -2.28
CA ARG B 42 -22.95 8.23 -3.38
C ARG B 42 -23.66 9.37 -4.11
N GLU B 43 -24.95 9.18 -4.36
CA GLU B 43 -25.76 10.20 -5.03
C GLU B 43 -25.82 11.48 -4.21
N ILE B 44 -25.99 11.33 -2.89
CA ILE B 44 -26.08 12.47 -1.99
C ILE B 44 -24.75 13.23 -1.92
N PHE B 45 -23.65 12.48 -1.84
CA PHE B 45 -22.32 13.08 -1.84
C PHE B 45 -22.11 13.97 -3.06
N LEU B 46 -22.49 13.45 -4.23
CA LEU B 46 -22.33 14.18 -5.48
C LEU B 46 -23.25 15.40 -5.59
N SER B 47 -24.42 15.33 -4.96
CA SER B 47 -25.38 16.43 -5.03
C SER B 47 -24.97 17.58 -4.12
N GLN B 48 -24.09 17.29 -3.16
CA GLN B 48 -23.59 18.28 -2.23
C GLN B 48 -22.17 18.71 -2.62
N PRO B 49 -21.75 19.92 -2.20
CA PRO B 49 -20.42 20.43 -2.56
C PRO B 49 -19.28 19.55 -2.05
N ILE B 50 -18.17 19.53 -2.78
CA ILE B 50 -16.98 18.80 -2.36
C ILE B 50 -16.30 19.57 -1.22
N LEU B 51 -16.57 20.86 -1.16
CA LEU B 51 -16.19 21.69 -0.03
C LEU B 51 -17.45 22.11 0.72
N LEU B 52 -17.74 21.43 1.82
CA LEU B 52 -18.97 21.67 2.55
C LEU B 52 -18.98 23.03 3.24
N GLU B 53 -20.11 23.72 3.16
CA GLU B 53 -20.31 24.96 3.90
C GLU B 53 -21.37 24.70 4.96
N LEU B 54 -20.90 24.51 6.19
CA LEU B 54 -21.79 24.04 7.26
C LEU B 54 -22.09 25.13 8.27
N GLU B 55 -23.10 24.89 9.09
CA GLU B 55 -23.49 25.84 10.13
C GLU B 55 -23.53 25.18 11.50
N ALA B 56 -23.05 25.90 12.50
CA ALA B 56 -23.15 25.47 13.89
C ALA B 56 -24.60 25.62 14.37
N PRO B 57 -25.00 24.89 15.42
CA PRO B 57 -24.23 23.95 16.24
C PRO B 57 -23.98 22.60 15.57
N LEU B 58 -22.84 21.99 15.86
CA LEU B 58 -22.51 20.66 15.36
C LEU B 58 -21.40 20.05 16.18
N LYS B 59 -21.24 18.74 16.07
CA LYS B 59 -20.16 18.04 16.74
C LYS B 59 -19.23 17.41 15.71
N ILE B 60 -17.92 17.58 15.90
CA ILE B 60 -16.95 17.13 14.92
C ILE B 60 -16.10 15.98 15.47
N CYS B 61 -15.96 14.92 14.68
CA CYS B 61 -15.26 13.72 15.11
C CYS B 61 -14.06 13.39 14.24
N GLY B 62 -13.03 12.81 14.86
CA GLY B 62 -11.86 12.35 14.14
C GLY B 62 -11.93 10.88 13.79
N ASP B 63 -10.77 10.23 13.68
CA ASP B 63 -10.67 8.87 13.21
C ASP B 63 -11.47 7.87 14.05
N ILE B 64 -12.07 6.90 13.38
CA ILE B 64 -12.80 5.83 14.06
C ILE B 64 -12.11 4.48 13.83
N HIS B 65 -11.67 4.26 12.59
CA HIS B 65 -10.95 3.05 12.20
C HIS B 65 -11.60 1.75 12.69
N GLY B 66 -12.87 1.57 12.35
CA GLY B 66 -13.55 0.30 12.57
C GLY B 66 -13.80 -0.08 14.02
N GLN B 67 -13.60 0.86 14.94
CA GLN B 67 -13.93 0.64 16.34
C GLN B 67 -15.40 1.00 16.54
N TYR B 68 -16.27 0.14 16.04
CA TYR B 68 -17.70 0.41 15.92
C TYR B 68 -18.40 0.71 17.24
N TYR B 69 -18.07 -0.03 18.29
CA TYR B 69 -18.71 0.18 19.59
C TYR B 69 -18.27 1.50 20.22
N ASP B 70 -17.07 1.95 19.88
CA ASP B 70 -16.62 3.28 20.28
C ASP B 70 -17.43 4.35 19.55
N LEU B 71 -17.78 4.09 18.30
CA LEU B 71 -18.66 4.98 17.56
C LEU B 71 -20.01 5.07 18.24
N LEU B 72 -20.50 3.94 18.71
CA LEU B 72 -21.78 3.87 19.41
C LEU B 72 -21.75 4.66 20.71
N ARG B 73 -20.62 4.61 21.41
CA ARG B 73 -20.44 5.37 22.64
C ARG B 73 -20.44 6.86 22.38
N LEU B 74 -19.80 7.27 21.29
CA LEU B 74 -19.76 8.67 20.88
C LEU B 74 -21.18 9.22 20.68
N PHE B 75 -22.00 8.45 19.97
CA PHE B 75 -23.39 8.82 19.75
C PHE B 75 -24.18 8.78 21.06
N GLU B 76 -23.86 7.82 21.91
CA GLU B 76 -24.54 7.68 23.20
C GLU B 76 -24.33 8.90 24.08
N TYR B 77 -23.12 9.46 24.04
CA TYR B 77 -22.76 10.58 24.88
C TYR B 77 -23.00 11.93 24.20
N GLY B 78 -22.76 11.98 22.89
CA GLY B 78 -22.94 13.21 22.14
C GLY B 78 -24.35 13.40 21.63
N GLY B 79 -25.13 12.32 21.67
CA GLY B 79 -26.50 12.35 21.18
C GLY B 79 -26.63 11.72 19.81
N PHE B 80 -27.47 10.69 19.71
CA PHE B 80 -27.73 10.04 18.43
C PHE B 80 -28.43 11.01 17.49
N PRO B 81 -28.05 10.97 16.20
CA PRO B 81 -28.76 11.76 15.19
C PRO B 81 -30.25 11.48 15.19
N PRO B 82 -31.08 12.51 14.95
CA PRO B 82 -30.67 13.88 14.63
C PRO B 82 -30.67 14.84 15.82
N GLU B 83 -30.49 14.34 17.04
CA GLU B 83 -30.41 15.21 18.21
C GLU B 83 -29.25 16.19 18.06
N SER B 84 -28.16 15.71 17.48
CA SER B 84 -26.99 16.54 17.23
C SER B 84 -26.57 16.45 15.77
N ASN B 85 -26.08 17.56 15.23
CA ASN B 85 -25.49 17.55 13.90
C ASN B 85 -24.06 17.05 13.99
N TYR B 86 -23.63 16.29 12.99
CA TYR B 86 -22.29 15.69 13.01
C TYR B 86 -21.47 15.96 11.75
N LEU B 87 -20.17 16.16 11.95
CA LEU B 87 -19.21 16.18 10.87
C LEU B 87 -18.06 15.25 11.20
N PHE B 88 -17.83 14.25 10.36
CA PHE B 88 -16.71 13.33 10.56
C PHE B 88 -15.57 13.67 9.60
N LEU B 89 -14.34 13.49 10.08
CA LEU B 89 -13.18 13.92 9.33
C LEU B 89 -12.45 12.79 8.59
N GLY B 90 -13.02 11.60 8.59
CA GLY B 90 -12.47 10.51 7.81
C GLY B 90 -11.80 9.39 8.59
N ASP B 91 -11.18 8.47 7.84
CA ASP B 91 -10.55 7.26 8.39
C ASP B 91 -11.55 6.45 9.21
N TYR B 92 -12.60 6.00 8.54
CA TYR B 92 -13.66 5.20 9.16
C TYR B 92 -13.31 3.72 9.18
N VAL B 93 -12.49 3.30 8.22
CA VAL B 93 -12.19 1.89 8.04
C VAL B 93 -10.72 1.59 8.31
N ASP B 94 -10.39 0.29 8.26
CA ASP B 94 -9.04 -0.26 8.47
C ASP B 94 -8.66 -0.39 9.95
N ARG B 95 -7.77 -1.35 10.21
CA ARG B 95 -7.19 -1.61 11.53
C ARG B 95 -8.17 -2.17 12.57
N GLY B 96 -9.33 -1.54 12.71
CA GLY B 96 -10.31 -2.02 13.69
C GLY B 96 -10.98 -3.31 13.23
N LYS B 97 -11.74 -3.93 14.12
CA LYS B 97 -12.34 -5.23 13.84
C LYS B 97 -13.66 -5.12 13.07
N GLN B 98 -14.30 -3.96 13.14
CA GLN B 98 -15.64 -3.80 12.56
C GLN B 98 -15.76 -2.56 11.69
N SER B 99 -14.99 -2.51 10.61
CA SER B 99 -15.07 -1.42 9.64
C SER B 99 -16.42 -1.38 8.94
N LEU B 100 -16.96 -2.55 8.63
CA LEU B 100 -18.22 -2.66 7.89
C LEU B 100 -19.39 -2.06 8.68
N GLU B 101 -19.53 -2.45 9.94
CA GLU B 101 -20.59 -1.89 10.78
C GLU B 101 -20.43 -0.38 10.92
N THR B 102 -19.19 0.05 11.09
CA THR B 102 -18.87 1.46 11.24
C THR B 102 -19.32 2.29 10.03
N ILE B 103 -18.86 1.91 8.85
CA ILE B 103 -19.12 2.69 7.65
C ILE B 103 -20.60 2.60 7.24
N CYS B 104 -21.22 1.45 7.48
CA CYS B 104 -22.62 1.26 7.15
C CYS B 104 -23.53 2.18 7.96
N LEU B 105 -23.25 2.29 9.26
CA LEU B 105 -24.03 3.16 10.13
C LEU B 105 -23.88 4.62 9.72
N LEU B 106 -22.66 5.01 9.37
CA LEU B 106 -22.38 6.38 8.95
C LEU B 106 -23.08 6.71 7.64
N LEU B 107 -23.03 5.78 6.69
CA LEU B 107 -23.71 5.96 5.41
C LEU B 107 -25.22 5.99 5.62
N ALA B 108 -25.70 5.14 6.52
CA ALA B 108 -27.12 5.08 6.83
C ALA B 108 -27.63 6.41 7.40
N TYR B 109 -26.87 6.96 8.35
CA TYR B 109 -27.22 8.24 8.94
C TYR B 109 -27.09 9.39 7.94
N LYS B 110 -26.15 9.25 7.01
CA LYS B 110 -25.98 10.24 5.96
C LYS B 110 -27.22 10.30 5.07
N ILE B 111 -27.73 9.13 4.70
CA ILE B 111 -28.92 9.05 3.87
C ILE B 111 -30.15 9.50 4.65
N LYS B 112 -30.24 9.07 5.90
CA LYS B 112 -31.40 9.38 6.74
C LYS B 112 -31.49 10.87 7.08
N TYR B 113 -30.35 11.47 7.43
CA TYR B 113 -30.32 12.88 7.79
C TYR B 113 -29.29 13.65 6.96
N PRO B 114 -29.57 13.83 5.67
CA PRO B 114 -28.57 14.36 4.72
C PRO B 114 -28.17 15.82 4.97
N GLU B 115 -28.94 16.53 5.77
CA GLU B 115 -28.64 17.94 6.04
C GLU B 115 -28.09 18.17 7.45
N ASN B 116 -28.04 17.10 8.24
CA ASN B 116 -27.58 17.21 9.62
C ASN B 116 -26.43 16.26 9.94
N PHE B 117 -25.96 15.56 8.92
CA PHE B 117 -24.94 14.53 9.10
C PHE B 117 -23.97 14.56 7.92
N PHE B 118 -22.68 14.70 8.20
CA PHE B 118 -21.70 14.87 7.14
C PHE B 118 -20.44 14.06 7.35
N LEU B 119 -19.88 13.56 6.24
CA LEU B 119 -18.70 12.71 6.28
C LEU B 119 -17.65 13.22 5.31
N LEU B 120 -16.45 13.50 5.82
CA LEU B 120 -15.34 13.87 4.95
C LEU B 120 -14.51 12.65 4.58
N ARG B 121 -13.67 12.82 3.56
CA ARG B 121 -12.79 11.76 3.12
C ARG B 121 -11.48 11.75 3.90
N GLY B 122 -11.09 10.59 4.41
CA GLY B 122 -9.78 10.40 5.00
C GLY B 122 -8.90 9.64 4.03
N ASN B 123 -7.61 9.52 4.36
CA ASN B 123 -6.69 8.84 3.47
C ASN B 123 -6.90 7.33 3.41
N HIS B 124 -7.63 6.78 4.38
CA HIS B 124 -7.96 5.36 4.36
C HIS B 124 -9.24 5.06 3.58
N GLU B 125 -9.98 6.10 3.21
CA GLU B 125 -11.12 5.93 2.31
C GLU B 125 -10.59 5.97 0.88
N CYS B 126 -9.66 5.07 0.61
CA CYS B 126 -8.89 5.04 -0.62
C CYS B 126 -8.47 3.60 -0.87
N ALA B 127 -8.67 3.13 -2.10
CA ALA B 127 -8.50 1.71 -2.42
C ALA B 127 -7.06 1.23 -2.24
N SER B 128 -6.09 2.05 -2.61
CA SER B 128 -4.69 1.65 -2.52
C SER B 128 -4.25 1.47 -1.07
N ILE B 129 -4.98 2.12 -0.16
CA ILE B 129 -4.66 2.02 1.26
C ILE B 129 -5.49 0.96 1.99
N ASN B 130 -6.82 0.99 1.84
CA ASN B 130 -7.65 0.08 2.61
C ASN B 130 -7.71 -1.34 2.04
N ARG B 131 -7.06 -1.55 0.89
CA ARG B 131 -6.85 -2.90 0.39
C ARG B 131 -5.90 -3.64 1.33
N ILE B 132 -5.01 -2.87 1.94
CA ILE B 132 -3.91 -3.43 2.72
C ILE B 132 -4.18 -3.44 4.22
N TYR B 133 -4.81 -2.39 4.74
CA TYR B 133 -4.86 -2.18 6.18
C TYR B 133 -6.12 -2.72 6.87
N GLY B 134 -6.87 -3.57 6.19
CA GLY B 134 -7.92 -4.32 6.87
C GLY B 134 -9.31 -4.34 6.25
N PHE B 135 -9.71 -3.26 5.60
CA PHE B 135 -11.08 -3.15 5.11
C PHE B 135 -11.40 -4.15 4.01
N TYR B 136 -10.48 -4.30 3.06
CA TYR B 136 -10.66 -5.27 1.97
C TYR B 136 -10.76 -6.68 2.51
N ASP B 137 -9.90 -7.01 3.48
CA ASP B 137 -9.91 -8.33 4.10
C ASP B 137 -11.25 -8.61 4.77
N GLU B 138 -11.81 -7.57 5.39
CA GLU B 138 -13.10 -7.67 6.05
C GLU B 138 -14.23 -7.89 5.03
N CYS B 139 -14.18 -7.14 3.93
CA CYS B 139 -15.15 -7.29 2.85
C CYS B 139 -15.08 -8.67 2.22
N LYS B 140 -13.86 -9.14 1.98
CA LYS B 140 -13.63 -10.42 1.34
C LYS B 140 -14.10 -11.57 2.22
N ARG B 141 -13.84 -11.46 3.52
CA ARG B 141 -14.22 -12.49 4.47
C ARG B 141 -15.73 -12.55 4.71
N ARG B 142 -16.36 -11.40 4.88
CA ARG B 142 -17.76 -11.35 5.29
C ARG B 142 -18.73 -11.21 4.12
N TYR B 143 -18.22 -10.78 2.98
CA TYR B 143 -19.06 -10.63 1.79
C TYR B 143 -18.32 -11.12 0.55
N ASN B 144 -17.93 -10.21 -0.32
CA ASN B 144 -17.13 -10.57 -1.48
C ASN B 144 -16.33 -9.40 -2.02
N ILE B 145 -15.45 -9.69 -2.98
CA ILE B 145 -14.55 -8.68 -3.54
C ILE B 145 -15.32 -7.58 -4.27
N LYS B 146 -16.39 -7.96 -4.96
CA LYS B 146 -17.22 -7.01 -5.69
C LYS B 146 -17.80 -5.92 -4.80
N LEU B 147 -18.17 -6.27 -3.57
CA LEU B 147 -18.69 -5.30 -2.62
C LEU B 147 -17.64 -4.27 -2.22
N TRP B 148 -16.40 -4.72 -2.05
CA TRP B 148 -15.30 -3.83 -1.72
C TRP B 148 -15.12 -2.77 -2.79
N LYS B 149 -15.25 -3.18 -4.05
CA LYS B 149 -15.12 -2.27 -5.17
C LYS B 149 -16.30 -1.31 -5.26
N THR B 150 -17.46 -1.75 -4.77
CA THR B 150 -18.62 -0.86 -4.66
C THR B 150 -18.35 0.23 -3.62
N PHE B 151 -17.74 -0.16 -2.50
CA PHE B 151 -17.33 0.81 -1.48
C PHE B 151 -16.36 1.83 -2.04
N THR B 152 -15.42 1.35 -2.85
CA THR B 152 -14.40 2.22 -3.44
C THR B 152 -15.05 3.29 -4.30
N ASP B 153 -16.02 2.90 -5.11
CA ASP B 153 -16.74 3.83 -5.97
C ASP B 153 -17.50 4.86 -5.14
N CYS B 154 -17.99 4.43 -3.98
CA CYS B 154 -18.65 5.33 -3.05
C CYS B 154 -17.66 6.29 -2.41
N PHE B 155 -16.54 5.75 -1.92
CA PHE B 155 -15.50 6.55 -1.28
C PHE B 155 -14.92 7.62 -2.20
N ASN B 156 -14.86 7.32 -3.49
CA ASN B 156 -14.33 8.25 -4.48
C ASN B 156 -15.18 9.50 -4.67
N CYS B 157 -16.35 9.52 -4.04
CA CYS B 157 -17.26 10.66 -4.18
C CYS B 157 -17.42 11.45 -2.88
N LEU B 158 -16.70 11.05 -1.83
CA LEU B 158 -16.73 11.77 -0.56
C LEU B 158 -16.21 13.19 -0.73
N PRO B 159 -16.81 14.15 -0.01
CA PRO B 159 -16.28 15.51 0.01
C PRO B 159 -14.93 15.55 0.72
N ILE B 160 -14.16 16.61 0.50
CA ILE B 160 -12.77 16.65 0.92
C ILE B 160 -12.55 17.58 2.11
N ALA B 161 -13.35 18.63 2.20
CA ALA B 161 -13.19 19.58 3.30
C ALA B 161 -14.52 20.22 3.68
N ALA B 162 -14.53 20.89 4.83
CA ALA B 162 -15.72 21.59 5.28
C ALA B 162 -15.33 22.91 5.96
N ILE B 163 -16.14 23.93 5.77
CA ILE B 163 -15.97 25.18 6.50
C ILE B 163 -17.21 25.46 7.33
N VAL B 164 -17.02 25.58 8.64
CA VAL B 164 -18.13 25.82 9.55
C VAL B 164 -18.31 27.31 9.81
N ASP B 165 -19.43 27.85 9.32
CA ASP B 165 -19.78 29.25 9.49
C ASP B 165 -18.65 30.20 9.11
N GLU B 166 -17.94 29.86 8.02
CA GLU B 166 -16.91 30.72 7.44
C GLU B 166 -15.75 31.02 8.41
N LYS B 167 -15.58 30.20 9.43
CA LYS B 167 -14.55 30.44 10.43
C LYS B 167 -13.67 29.23 10.70
N ILE B 168 -14.25 28.03 10.60
CA ILE B 168 -13.51 26.82 10.90
C ILE B 168 -13.30 25.93 9.66
N PHE B 169 -12.05 25.81 9.25
CA PHE B 169 -11.69 24.98 8.10
C PHE B 169 -11.40 23.55 8.55
N CYS B 170 -12.14 22.59 7.99
CA CYS B 170 -12.01 21.20 8.41
C CYS B 170 -11.57 20.28 7.27
N CYS B 171 -10.57 19.45 7.55
CA CYS B 171 -10.17 18.38 6.64
C CYS B 171 -9.47 17.28 7.43
N HIS B 172 -9.20 16.15 6.79
CA HIS B 172 -8.60 15.02 7.50
C HIS B 172 -7.13 15.28 7.85
N GLY B 173 -6.33 15.58 6.84
CA GLY B 173 -4.91 15.73 7.02
C GLY B 173 -4.51 17.13 7.45
N GLY B 174 -4.38 18.03 6.48
CA GLY B 174 -4.03 19.41 6.79
C GLY B 174 -3.86 20.27 5.55
N LEU B 175 -3.00 21.27 5.65
CA LEU B 175 -2.83 22.26 4.59
C LEU B 175 -1.95 21.76 3.44
N SER B 176 -1.96 22.52 2.35
CA SER B 176 -1.19 22.18 1.16
C SER B 176 -0.46 23.41 0.63
N PRO B 177 0.77 23.24 0.15
CA PRO B 177 1.48 24.36 -0.46
C PRO B 177 0.86 24.77 -1.80
N ASP B 178 -0.02 23.91 -2.33
CA ASP B 178 -0.70 24.19 -3.59
C ASP B 178 -2.07 24.83 -3.37
N LEU B 179 -2.44 25.05 -2.11
CA LEU B 179 -3.75 25.61 -1.80
C LEU B 179 -3.68 27.13 -1.67
N GLN B 180 -4.00 27.83 -2.75
CA GLN B 180 -4.02 29.29 -2.75
CA GLN B 180 -4.02 29.29 -2.75
C GLN B 180 -5.43 29.83 -2.62
N SER B 181 -6.37 29.16 -3.29
CA SER B 181 -7.77 29.58 -3.25
C SER B 181 -8.69 28.39 -2.97
N MET B 182 -9.80 28.66 -2.29
CA MET B 182 -10.77 27.61 -1.98
C MET B 182 -11.42 27.04 -3.24
N GLU B 183 -11.38 27.79 -4.34
CA GLU B 183 -11.94 27.28 -5.59
C GLU B 183 -11.14 26.10 -6.12
N GLN B 184 -9.85 26.06 -5.77
CA GLN B 184 -9.00 24.95 -6.20
C GLN B 184 -9.53 23.64 -5.64
N ILE B 185 -10.15 23.72 -4.46
CA ILE B 185 -10.82 22.56 -3.88
C ILE B 185 -12.16 22.31 -4.58
N ARG B 186 -12.92 23.39 -4.76
CA ARG B 186 -14.23 23.31 -5.39
C ARG B 186 -14.18 22.79 -6.83
N ARG B 187 -13.04 22.99 -7.48
CA ARG B 187 -12.88 22.62 -8.89
C ARG B 187 -12.55 21.14 -9.08
N ILE B 188 -12.24 20.44 -7.98
CA ILE B 188 -11.91 19.03 -8.04
C ILE B 188 -13.14 18.20 -8.43
N MET B 189 -13.00 17.38 -9.45
CA MET B 189 -14.13 16.62 -9.98
C MET B 189 -14.24 15.25 -9.32
N ARG B 190 -15.48 14.80 -9.14
CA ARG B 190 -15.75 13.49 -8.57
C ARG B 190 -16.54 12.63 -9.56
N PRO B 191 -16.36 11.30 -9.52
CA PRO B 191 -15.48 10.54 -8.61
C PRO B 191 -14.00 10.72 -8.92
N THR B 192 -13.18 10.66 -7.88
CA THR B 192 -11.74 10.71 -8.06
C THR B 192 -11.02 9.84 -7.05
N ASP B 193 -9.87 9.31 -7.45
CA ASP B 193 -8.99 8.59 -6.54
C ASP B 193 -8.14 9.61 -5.81
N VAL B 194 -7.38 9.16 -4.81
CA VAL B 194 -6.42 10.04 -4.15
C VAL B 194 -5.05 9.89 -4.78
N PRO B 195 -4.56 10.96 -5.42
CA PRO B 195 -3.24 10.92 -6.08
C PRO B 195 -2.12 10.84 -5.04
N ASP B 196 -0.92 10.48 -5.48
CA ASP B 196 0.20 10.32 -4.54
C ASP B 196 0.88 11.64 -4.23
N GLN B 197 0.43 12.71 -4.86
CA GLN B 197 0.93 14.05 -4.59
C GLN B 197 -0.07 15.10 -5.05
N GLY B 198 0.09 16.33 -4.57
CA GLY B 198 -0.79 17.42 -4.97
C GLY B 198 -1.78 17.82 -3.90
N LEU B 199 -2.62 18.79 -4.21
CA LEU B 199 -3.59 19.36 -3.26
C LEU B 199 -4.44 18.31 -2.55
N LEU B 200 -5.08 17.45 -3.33
CA LEU B 200 -5.99 16.45 -2.77
C LEU B 200 -5.25 15.49 -1.85
N CYS B 201 -4.06 15.08 -2.27
CA CYS B 201 -3.20 14.24 -1.45
C CYS B 201 -2.87 14.90 -0.11
N ASP B 202 -2.40 16.15 -0.18
CA ASP B 202 -1.98 16.89 1.01
C ASP B 202 -3.12 17.08 2.01
N LEU B 203 -4.30 17.41 1.49
CA LEU B 203 -5.48 17.63 2.32
C LEU B 203 -5.83 16.40 3.15
N LEU B 204 -5.43 15.23 2.68
CA LEU B 204 -5.74 13.98 3.35
C LEU B 204 -4.53 13.39 4.08
N TRP B 205 -3.34 13.94 3.86
CA TRP B 205 -2.12 13.30 4.35
C TRP B 205 -1.18 14.15 5.21
N SER B 206 -1.20 15.47 5.06
CA SER B 206 -0.19 16.30 5.70
C SER B 206 -0.39 16.42 7.21
N ASP B 207 0.69 16.79 7.91
CA ASP B 207 0.67 16.92 9.37
C ASP B 207 1.29 18.23 9.80
N PRO B 208 0.82 18.81 10.92
CA PRO B 208 1.55 19.94 11.49
C PRO B 208 2.81 19.46 12.21
N ASP B 209 3.82 20.32 12.31
CA ASP B 209 5.05 19.98 13.02
C ASP B 209 5.60 21.23 13.70
N LYS B 210 5.85 21.11 15.00
CA LYS B 210 6.32 22.23 15.80
C LYS B 210 7.77 22.59 15.51
N ASP B 211 8.47 21.70 14.81
CA ASP B 211 9.90 21.87 14.58
C ASP B 211 10.25 22.37 13.18
N VAL B 212 9.26 22.48 12.31
CA VAL B 212 9.56 22.91 10.94
C VAL B 212 9.15 24.36 10.67
N GLN B 213 10.00 25.06 9.94
CA GLN B 213 9.73 26.41 9.49
C GLN B 213 9.17 26.33 8.07
N GLY B 214 7.87 26.54 7.94
CA GLY B 214 7.21 26.45 6.64
C GLY B 214 6.83 25.02 6.30
N TRP B 215 7.35 24.52 5.19
CA TRP B 215 7.03 23.16 4.76
C TRP B 215 8.23 22.22 4.89
N GLY B 216 7.98 21.00 5.35
CA GLY B 216 9.04 20.02 5.52
C GLY B 216 8.64 18.67 4.98
N GLU B 217 9.57 17.72 5.03
CA GLU B 217 9.29 16.37 4.54
C GLU B 217 8.54 15.58 5.60
N ASN B 218 7.57 14.80 5.16
CA ASN B 218 6.74 14.03 6.08
C ASN B 218 7.31 12.63 6.27
N ASP B 219 7.44 12.21 7.52
CA ASP B 219 7.97 10.89 7.86
C ASP B 219 7.16 9.75 7.24
N ARG B 220 5.89 10.02 6.93
CA ARG B 220 5.03 9.01 6.32
C ARG B 220 5.51 8.59 4.93
N GLY B 221 6.30 9.44 4.29
CA GLY B 221 6.75 9.18 2.94
C GLY B 221 5.76 9.73 1.92
N VAL B 222 4.72 10.38 2.45
CA VAL B 222 3.69 11.00 1.62
C VAL B 222 3.46 12.44 2.08
N SER B 223 3.28 13.35 1.13
CA SER B 223 2.90 14.73 1.44
C SER B 223 3.95 15.47 2.27
N PHE B 224 3.49 16.43 3.07
CA PHE B 224 4.39 17.35 3.77
C PHE B 224 4.06 17.52 5.25
N THR B 225 4.95 18.19 5.95
CA THR B 225 4.62 18.78 7.25
C THR B 225 4.51 20.30 7.07
N PHE B 226 3.80 20.96 7.98
CA PHE B 226 3.72 22.42 7.95
C PHE B 226 3.84 22.98 9.36
N GLY B 227 4.40 24.18 9.47
CA GLY B 227 4.65 24.79 10.76
C GLY B 227 3.60 25.80 11.19
N ALA B 228 3.81 26.38 12.36
CA ALA B 228 2.87 27.32 12.96
C ALA B 228 2.69 28.57 12.11
N GLU B 229 3.77 29.01 11.47
CA GLU B 229 3.73 30.20 10.63
C GLU B 229 2.82 30.00 9.42
N VAL B 230 2.87 28.80 8.85
CA VAL B 230 1.99 28.44 7.74
C VAL B 230 0.52 28.52 8.14
N VAL B 231 0.19 28.00 9.32
CA VAL B 231 -1.17 28.04 9.83
C VAL B 231 -1.64 29.48 10.04
N ALA B 232 -0.80 30.30 10.66
CA ALA B 232 -1.13 31.70 10.92
C ALA B 232 -1.44 32.45 9.63
N LYS B 233 -0.55 32.31 8.65
CA LYS B 233 -0.70 32.98 7.36
C LYS B 233 -1.96 32.50 6.62
N PHE B 234 -2.21 31.20 6.68
CA PHE B 234 -3.38 30.62 6.02
C PHE B 234 -4.67 31.19 6.59
N LEU B 235 -4.77 31.22 7.92
CA LEU B 235 -5.96 31.73 8.60
C LEU B 235 -6.19 33.20 8.29
N HIS B 236 -5.11 33.97 8.25
CA HIS B 236 -5.21 35.40 7.96
C HIS B 236 -5.72 35.67 6.56
N LYS B 237 -5.13 34.97 5.59
CA LYS B 237 -5.48 35.18 4.18
C LYS B 237 -6.93 34.83 3.86
N HIS B 238 -7.43 33.76 4.46
CA HIS B 238 -8.78 33.29 4.18
C HIS B 238 -9.79 33.69 5.26
N ASP B 239 -9.35 34.52 6.20
CA ASP B 239 -10.20 35.07 7.25
C ASP B 239 -10.89 33.99 8.07
N LEU B 240 -10.11 33.01 8.53
CA LEU B 240 -10.63 31.92 9.34
C LEU B 240 -10.14 32.03 10.78
N ASP B 241 -10.81 31.32 11.69
CA ASP B 241 -10.43 31.36 13.11
C ASP B 241 -9.68 30.11 13.54
N LEU B 242 -9.94 29.00 12.88
CA LEU B 242 -9.46 27.71 13.36
C LEU B 242 -9.35 26.66 12.25
N ILE B 243 -8.28 25.87 12.30
CA ILE B 243 -8.16 24.70 11.45
C ILE B 243 -8.44 23.45 12.30
N CYS B 244 -9.40 22.64 11.85
CA CYS B 244 -9.78 21.44 12.57
C CYS B 244 -9.47 20.20 11.73
N ARG B 245 -8.57 19.35 12.23
CA ARG B 245 -8.18 18.16 11.49
C ARG B 245 -8.03 16.93 12.39
N ALA B 246 -7.63 15.83 11.77
CA ALA B 246 -7.50 14.55 12.47
C ALA B 246 -6.17 13.91 12.14
N HIS B 247 -6.23 12.67 11.64
CA HIS B 247 -5.10 12.04 10.94
C HIS B 247 -3.95 11.60 11.86
N GLN B 248 -3.90 12.15 13.07
CA GLN B 248 -2.88 11.75 14.05
C GLN B 248 -3.47 11.43 15.41
N VAL B 249 -3.05 10.32 16.01
CA VAL B 249 -3.52 9.95 17.34
C VAL B 249 -2.90 10.87 18.40
N VAL B 250 -3.74 11.40 19.28
CA VAL B 250 -3.27 12.28 20.34
C VAL B 250 -3.77 11.80 21.70
N GLU B 251 -2.92 11.92 22.71
CA GLU B 251 -3.15 11.33 24.02
C GLU B 251 -4.48 11.70 24.68
N ASP B 252 -4.88 12.96 24.53
CA ASP B 252 -6.08 13.44 25.20
C ASP B 252 -7.30 13.45 24.28
N GLY B 253 -7.16 12.86 23.09
CA GLY B 253 -8.24 12.83 22.13
C GLY B 253 -8.29 14.11 21.31
N TYR B 254 -7.78 15.19 21.90
CA TYR B 254 -7.63 16.47 21.22
C TYR B 254 -6.23 17.02 21.50
N GLU B 255 -5.76 17.89 20.61
CA GLU B 255 -4.46 18.53 20.81
C GLU B 255 -4.36 19.82 20.01
N PHE B 256 -4.00 20.90 20.70
CA PHE B 256 -3.86 22.20 20.06
C PHE B 256 -2.51 22.36 19.37
N PHE B 257 -2.48 23.22 18.37
CA PHE B 257 -1.26 23.53 17.66
C PHE B 257 -1.26 25.01 17.27
N ALA B 258 -0.10 25.64 17.35
CA ALA B 258 0.07 27.05 16.99
C ALA B 258 -0.91 27.97 17.74
N LYS B 259 -0.87 27.92 19.06
CA LYS B 259 -1.71 28.77 19.92
C LYS B 259 -3.20 28.68 19.55
N ARG B 260 -3.72 27.46 19.51
CA ARG B 260 -5.13 27.18 19.26
C ARG B 260 -5.61 27.66 17.89
N GLN B 261 -4.68 27.88 16.97
CA GLN B 261 -5.05 28.17 15.58
C GLN B 261 -5.34 26.88 14.83
N LEU B 262 -4.91 25.76 15.39
CA LEU B 262 -5.20 24.45 14.83
C LEU B 262 -5.49 23.45 15.95
N VAL B 263 -6.43 22.55 15.70
CA VAL B 263 -6.71 21.47 16.65
C VAL B 263 -6.74 20.11 15.94
N THR B 264 -6.15 19.11 16.58
CA THR B 264 -6.20 17.74 16.07
C THR B 264 -7.20 16.93 16.87
N LEU B 265 -8.10 16.25 16.15
CA LEU B 265 -9.10 15.40 16.81
C LEU B 265 -8.86 13.92 16.48
N PHE B 266 -9.00 13.07 17.49
CA PHE B 266 -8.92 11.63 17.29
C PHE B 266 -9.99 10.99 18.16
N SER B 267 -10.95 10.31 17.55
CA SER B 267 -12.16 9.90 18.26
C SER B 267 -12.19 8.41 18.60
N ALA B 268 -11.11 7.71 18.32
CA ALA B 268 -11.03 6.29 18.65
C ALA B 268 -10.14 6.08 19.88
N PRO B 269 -10.75 5.90 21.05
CA PRO B 269 -10.01 5.72 22.30
C PRO B 269 -9.25 4.41 22.31
N ASN B 270 -8.13 4.35 23.04
CA ASN B 270 -7.27 3.17 23.06
C ASN B 270 -7.03 2.63 21.66
N TYR B 271 -6.57 3.52 20.78
CA TYR B 271 -6.43 3.26 19.35
C TYR B 271 -5.85 1.90 19.02
N CYS B 272 -6.66 1.08 18.35
CA CYS B 272 -6.36 -0.31 17.98
C CYS B 272 -5.61 -1.10 19.05
N GLY B 273 -5.92 -0.83 20.31
CA GLY B 273 -5.36 -1.57 21.43
C GLY B 273 -3.86 -1.41 21.64
N GLU B 274 -3.26 -0.42 20.99
CA GLU B 274 -1.82 -0.23 21.06
C GLU B 274 -1.47 1.04 21.81
N PHE B 275 -2.46 1.91 21.97
CA PHE B 275 -2.27 3.18 22.66
C PHE B 275 -3.23 3.30 23.84
N ASP B 276 -2.93 4.22 24.75
CA ASP B 276 -3.79 4.45 25.91
C ASP B 276 -4.47 5.81 25.77
N ASN B 277 -4.61 6.26 24.53
CA ASN B 277 -5.20 7.56 24.24
C ASN B 277 -6.68 7.64 24.59
N ALA B 278 -7.14 8.86 24.88
CA ALA B 278 -8.56 9.11 24.99
C ALA B 278 -9.12 9.39 23.61
N GLY B 279 -10.44 9.34 23.47
CA GLY B 279 -11.07 9.75 22.24
C GLY B 279 -11.82 11.04 22.50
N ALA B 280 -11.84 11.94 21.50
CA ALA B 280 -12.55 13.20 21.70
C ALA B 280 -13.36 13.65 20.51
N MET B 281 -14.35 14.49 20.82
CA MET B 281 -15.22 15.11 19.85
C MET B 281 -15.28 16.59 20.19
N MET B 282 -15.21 17.47 19.20
CA MET B 282 -15.29 18.90 19.50
C MET B 282 -16.72 19.40 19.33
N SER B 283 -17.28 19.89 20.43
CA SER B 283 -18.64 20.41 20.42
C SER B 283 -18.64 21.91 20.13
N VAL B 284 -19.31 22.28 19.05
CA VAL B 284 -19.39 23.67 18.62
C VAL B 284 -20.81 24.19 18.75
N ASP B 285 -21.03 25.14 19.65
CA ASP B 285 -22.38 25.70 19.82
C ASP B 285 -22.63 26.78 18.77
N GLU B 286 -23.81 27.39 18.83
CA GLU B 286 -24.23 28.37 17.83
C GLU B 286 -23.30 29.59 17.75
N THR B 287 -22.65 29.92 18.85
CA THR B 287 -21.78 31.09 18.90
C THR B 287 -20.33 30.75 18.54
N LEU B 288 -20.13 29.51 18.10
CA LEU B 288 -18.81 28.97 17.77
C LEU B 288 -17.90 28.91 18.99
N MET B 289 -18.50 28.80 20.18
CA MET B 289 -17.73 28.47 21.37
C MET B 289 -17.47 26.98 21.33
N CYS B 290 -16.21 26.60 21.24
CA CYS B 290 -15.86 25.19 21.07
C CYS B 290 -15.39 24.58 22.37
N SER B 291 -15.86 23.36 22.62
CA SER B 291 -15.42 22.59 23.77
C SER B 291 -15.25 21.15 23.35
N PHE B 292 -14.74 20.32 24.24
CA PHE B 292 -14.47 18.94 23.88
C PHE B 292 -15.20 17.97 24.80
N GLN B 293 -15.82 16.96 24.19
CA GLN B 293 -16.39 15.86 24.96
C GLN B 293 -15.46 14.66 24.79
N ILE B 294 -15.00 14.12 25.92
CA ILE B 294 -13.90 13.17 25.90
C ILE B 294 -14.28 11.79 26.43
N LEU B 295 -14.07 10.78 25.60
CA LEU B 295 -14.29 9.39 25.98
C LEU B 295 -12.98 8.78 26.47
N LYS B 296 -12.99 8.26 27.69
CA LYS B 296 -11.77 7.75 28.31
C LYS B 296 -12.01 6.47 29.11
N ARG C 7 16.74 -21.96 -34.81
CA ARG C 7 15.50 -21.89 -34.04
C ARG C 7 15.47 -22.95 -32.94
N LYS C 8 15.27 -22.50 -31.71
CA LYS C 8 15.33 -23.38 -30.54
C LYS C 8 13.96 -23.75 -30.00
N THR C 9 13.93 -24.79 -29.18
CA THR C 9 12.70 -25.26 -28.55
C THR C 9 12.95 -25.66 -27.11
N VAL C 10 12.06 -25.26 -26.21
CA VAL C 10 12.16 -25.61 -24.80
C VAL C 10 12.00 -27.11 -24.58
N THR C 11 12.98 -27.72 -23.91
CA THR C 11 12.90 -29.13 -23.56
C THR C 11 13.21 -29.34 -22.09
N TRP C 12 12.91 -30.54 -21.61
CA TRP C 12 13.18 -30.89 -20.22
C TRP C 12 14.00 -32.17 -20.18
N PRO C 13 14.94 -32.25 -19.24
CA PRO C 13 15.78 -33.45 -19.12
C PRO C 13 14.99 -34.60 -18.51
N GLU C 14 15.63 -35.75 -18.33
CA GLU C 14 14.99 -36.85 -17.64
C GLU C 14 14.69 -36.39 -16.22
N GLU C 15 13.65 -36.95 -15.62
CA GLU C 15 13.17 -36.49 -14.31
C GLU C 15 14.25 -36.59 -13.23
N GLY C 16 15.17 -37.51 -13.39
CA GLY C 16 16.25 -37.70 -12.44
C GLY C 16 17.27 -36.58 -12.48
N LYS C 17 17.29 -35.85 -13.58
CA LYS C 17 18.24 -34.75 -13.76
C LYS C 17 17.53 -33.40 -13.85
N LEU C 18 16.27 -33.37 -13.42
CA LEU C 18 15.50 -32.13 -13.48
C LEU C 18 15.88 -31.17 -12.35
N ARG C 19 16.20 -31.72 -11.18
CA ARG C 19 16.53 -30.89 -10.03
CA ARG C 19 16.51 -30.93 -9.99
C ARG C 19 17.93 -31.15 -9.49
N GLU C 20 18.63 -30.06 -9.18
CA GLU C 20 19.94 -30.14 -8.52
C GLU C 20 19.84 -29.43 -7.17
N TYR C 21 20.05 -30.17 -6.08
CA TYR C 21 19.87 -29.63 -4.74
C TYR C 21 21.13 -29.04 -4.13
N PHE C 22 20.97 -27.90 -3.47
CA PHE C 22 22.04 -27.32 -2.67
C PHE C 22 21.56 -27.07 -1.25
N TYR C 23 22.16 -27.75 -0.27
CA TYR C 23 21.74 -27.61 1.11
C TYR C 23 22.70 -26.73 1.91
N PHE C 24 22.14 -25.90 2.79
CA PHE C 24 22.94 -25.03 3.64
C PHE C 24 22.46 -25.04 5.08
N GLU C 25 23.35 -24.70 6.00
CA GLU C 25 23.03 -24.64 7.43
C GLU C 25 21.98 -23.57 7.72
N LEU C 26 20.95 -23.95 8.47
CA LEU C 26 19.84 -23.06 8.78
C LEU C 26 20.08 -22.22 10.04
N ASP C 27 20.08 -20.90 9.85
CA ASP C 27 20.12 -19.98 10.98
C ASP C 27 18.70 -19.44 11.19
N GLU C 28 18.11 -19.76 12.34
CA GLU C 28 16.73 -19.41 12.63
C GLU C 28 16.51 -17.91 12.89
N THR C 29 17.60 -17.15 12.90
CA THR C 29 17.52 -15.71 13.14
C THR C 29 17.82 -14.91 11.88
N GLU C 30 18.24 -15.61 10.83
CA GLU C 30 18.62 -14.97 9.58
C GLU C 30 17.44 -14.34 8.83
N ARG C 31 16.27 -14.96 8.92
CA ARG C 31 15.12 -14.50 8.14
C ARG C 31 13.97 -14.02 9.02
N VAL C 32 13.59 -12.74 8.83
CA VAL C 32 12.54 -12.10 9.61
C VAL C 32 11.61 -11.30 8.69
N ASN C 33 10.33 -11.22 9.04
CA ASN C 33 9.42 -10.29 8.38
C ASN C 33 9.42 -8.98 9.15
N VAL C 34 10.01 -7.94 8.57
CA VAL C 34 10.21 -6.67 9.25
C VAL C 34 8.91 -5.92 9.53
N ASN C 35 7.80 -6.41 8.98
CA ASN C 35 6.50 -5.80 9.20
C ASN C 35 5.81 -6.38 10.42
N LYS C 36 6.38 -7.46 10.96
CA LYS C 36 5.84 -8.11 12.14
C LYS C 36 6.75 -7.90 13.35
N LYS D 8 -19.87 35.25 13.22
CA LYS D 8 -19.50 34.59 14.47
C LYS D 8 -18.00 34.41 14.57
N THR D 9 -17.51 34.16 15.78
CA THR D 9 -16.08 33.99 16.02
C THR D 9 -15.82 32.87 17.02
N VAL D 10 -14.82 32.05 16.72
CA VAL D 10 -14.46 30.93 17.60
C VAL D 10 -13.96 31.43 18.95
N THR D 11 -14.59 30.93 20.02
CA THR D 11 -14.18 31.26 21.37
C THR D 11 -14.01 30.01 22.21
N TRP D 12 -13.35 30.15 23.36
CA TRP D 12 -13.13 29.02 24.26
C TRP D 12 -13.60 29.34 25.67
N PRO D 13 -14.21 28.36 26.34
CA PRO D 13 -14.65 28.54 27.72
C PRO D 13 -13.48 28.45 28.70
N GLU D 14 -13.77 28.63 29.99
CA GLU D 14 -12.75 28.48 31.02
C GLU D 14 -12.22 27.05 31.04
N GLU D 15 -10.98 26.89 31.52
CA GLU D 15 -10.31 25.60 31.51
C GLU D 15 -11.11 24.53 32.25
N GLY D 16 -11.90 24.98 33.23
CA GLY D 16 -12.75 24.07 33.98
C GLY D 16 -13.94 23.59 33.17
N LYS D 17 -14.29 24.35 32.13
CA LYS D 17 -15.42 23.99 31.28
C LYS D 17 -15.00 23.71 29.84
N LEU D 18 -13.70 23.51 29.62
CA LEU D 18 -13.18 23.24 28.29
C LEU D 18 -13.45 21.78 27.89
N ARG D 19 -13.36 20.90 28.87
CA ARG D 19 -13.54 19.47 28.63
C ARG D 19 -14.70 18.90 29.42
N GLU D 20 -15.50 18.07 28.75
CA GLU D 20 -16.54 17.30 29.42
C GLU D 20 -16.19 15.82 29.27
N TYR D 21 -15.96 15.15 30.39
CA TYR D 21 -15.49 13.77 30.34
C TYR D 21 -16.64 12.77 30.35
N PHE D 22 -16.51 11.77 29.49
CA PHE D 22 -17.41 10.62 29.48
C PHE D 22 -16.58 9.37 29.64
N TYR D 23 -16.84 8.63 30.71
CA TYR D 23 -16.05 7.44 31.02
C TYR D 23 -16.76 6.16 30.58
N PHE D 24 -15.96 5.21 30.09
CA PHE D 24 -16.50 3.91 29.68
C PHE D 24 -15.65 2.80 30.27
N GLU D 25 -16.26 1.63 30.46
CA GLU D 25 -15.51 0.48 30.95
C GLU D 25 -14.49 0.04 29.91
N LEU D 26 -13.24 -0.10 30.33
CA LEU D 26 -12.19 -0.47 29.40
C LEU D 26 -12.02 -1.99 29.31
N ASP D 27 -12.33 -2.53 28.14
CA ASP D 27 -12.05 -3.93 27.83
C ASP D 27 -10.88 -3.98 26.85
N GLU D 28 -9.78 -4.59 27.28
CA GLU D 28 -8.56 -4.62 26.47
C GLU D 28 -8.68 -5.50 25.24
N THR D 29 -9.83 -6.15 25.08
CA THR D 29 -10.06 -7.03 23.95
C THR D 29 -11.05 -6.45 22.94
N GLU D 30 -11.66 -5.32 23.28
CA GLU D 30 -12.63 -4.69 22.39
C GLU D 30 -11.93 -4.15 21.14
N ARG D 31 -10.71 -3.67 21.33
CA ARG D 31 -9.97 -3.00 20.26
C ARG D 31 -8.69 -3.73 19.90
N VAL D 32 -8.59 -4.16 18.64
CA VAL D 32 -7.42 -4.88 18.16
C VAL D 32 -7.03 -4.34 16.78
N ASN D 33 -5.74 -4.35 16.48
CA ASN D 33 -5.26 -4.03 15.14
C ASN D 33 -5.16 -5.29 14.29
N VAL D 34 -6.03 -5.40 13.30
CA VAL D 34 -6.11 -6.61 12.48
C VAL D 34 -4.88 -6.81 11.59
N ASN D 35 -4.02 -5.79 11.52
CA ASN D 35 -2.79 -5.89 10.74
C ASN D 35 -1.63 -6.41 11.58
#